data_3FS0
# 
_entry.id   3FS0 
# 
_audit_conform.dict_name       mmcif_pdbx.dic 
_audit_conform.dict_version    5.378 
_audit_conform.dict_location   http://mmcif.pdb.org/dictionaries/ascii/mmcif_pdbx.dic 
# 
loop_
_database_2.database_id 
_database_2.database_code 
_database_2.pdbx_database_accession 
_database_2.pdbx_DOI 
PDB   3FS0         pdb_00003fs0 10.2210/pdb3fs0/pdb 
NDB   AR0101       ?            ?                   
RCSB  RCSB050969   ?            ?                   
WWPDB D_1000050969 ?            ?                   
# 
_pdbx_database_related.db_name        PDB 
_pdbx_database_related.db_id          3FTM 
_pdbx_database_related.details        . 
_pdbx_database_related.content_type   unspecified 
# 
_pdbx_database_status.status_code                     REL 
_pdbx_database_status.entry_id                        3FS0 
_pdbx_database_status.recvd_initial_deposition_date   2009-01-08 
_pdbx_database_status.deposit_site                    RCSB 
_pdbx_database_status.process_site                    RCSB 
_pdbx_database_status.status_code_sf                  REL 
_pdbx_database_status.status_code_mr                  ? 
_pdbx_database_status.SG_entry                        . 
_pdbx_database_status.pdb_format_compatible           Y 
_pdbx_database_status.status_code_cs                  ? 
_pdbx_database_status.status_code_nmr_data            ? 
_pdbx_database_status.methods_development_category    ? 
# 
loop_
_audit_author.name 
_audit_author.pdbx_ordinal 
'Pitt, J.N.'          1 
;Ferre-D'Amare, A.R.
;
2 
# 
_citation.id                        primary 
_citation.title                     'Structure-guided engineering of the regioselectivity of RNA ligase ribozymes.' 
_citation.journal_abbrev            J.Am.Chem.Soc. 
_citation.journal_volume            131 
_citation.page_first                3532 
_citation.page_last                 3540 
_citation.year                      2009 
_citation.journal_id_ASTM           JACSAT 
_citation.country                   US 
_citation.journal_id_ISSN           0002-7863 
_citation.journal_id_CSD            0004 
_citation.book_publisher            ? 
_citation.pdbx_database_id_PubMed   19220054 
_citation.pdbx_database_id_DOI      10.1021/ja8067325 
# 
loop_
_citation_author.citation_id 
_citation_author.name 
_citation_author.ordinal 
_citation_author.identifier_ORCID 
primary 'Pitt, J.N.'          1 ? 
primary 
;Ferre-D'Amare, A.R.
;
2 ? 
# 
_cell.entry_id           3FS0 
_cell.length_a           30.040 
_cell.length_b           30.040 
_cell.length_c           59.666 
_cell.angle_alpha        90.00 
_cell.angle_beta         90.00 
_cell.angle_gamma        120.00 
_cell.Z_PDB              3 
_cell.pdbx_unique_axis   ? 
_cell.length_a_esd       ? 
_cell.length_b_esd       ? 
_cell.length_c_esd       ? 
_cell.angle_alpha_esd    ? 
_cell.angle_beta_esd     ? 
_cell.angle_gamma_esd    ? 
# 
_symmetry.entry_id                         3FS0 
_symmetry.space_group_name_H-M             'P 31' 
_symmetry.pdbx_full_space_group_name_H-M   ? 
_symmetry.cell_setting                     ? 
_symmetry.Int_Tables_number                144 
_symmetry.space_group_name_Hall            ? 
# 
loop_
_entity.id 
_entity.type 
_entity.src_method 
_entity.pdbx_description 
_entity.formula_weight 
_entity.pdbx_number_of_molecules 
_entity.pdbx_ec 
_entity.pdbx_mutation 
_entity.pdbx_fragment 
_entity.details 
1 polymer     syn "5'-R(*GP*GP*UP*GP*AP*GP*GP*CP*UP*G)-3'"    3272.996 1  ? ? ? 'template strand of Class II ligase A4-11' 
2 polymer     syn "5'-R(*CP*CP*AP*GP*UP*CP*GP*GP*AP*AP*C)-3'" 3505.170 1  ? ? ? 
;Product strand of Class II ligase A4-11, single stranded RNA with one 2'-5' linkage
;
3 non-polymer syn 'MAGNESIUM ION'                             24.305   5  ? ? ? ? 
4 water       nat water                                       18.015   12 ? ? ? ? 
# 
loop_
_entity_poly.entity_id 
_entity_poly.type 
_entity_poly.nstd_linkage 
_entity_poly.nstd_monomer 
_entity_poly.pdbx_seq_one_letter_code 
_entity_poly.pdbx_seq_one_letter_code_can 
_entity_poly.pdbx_strand_id 
_entity_poly.pdbx_target_identifier 
1 polyribonucleotide no no GGUGAGGCUG  GGUGAGGCUG  A ? 
2 polyribonucleotide no no CCAGUCGGAAC CCAGUCGGAAC B ? 
# 
loop_
_entity_poly_seq.entity_id 
_entity_poly_seq.num 
_entity_poly_seq.mon_id 
_entity_poly_seq.hetero 
1 1  G n 
1 2  G n 
1 3  U n 
1 4  G n 
1 5  A n 
1 6  G n 
1 7  G n 
1 8  C n 
1 9  U n 
1 10 G n 
2 1  C n 
2 2  C n 
2 3  A n 
2 4  G n 
2 5  U n 
2 6  C n 
2 7  G n 
2 8  G n 
2 9  A n 
2 10 A n 
2 11 C n 
# 
loop_
_struct_ref.id 
_struct_ref.db_name 
_struct_ref.db_code 
_struct_ref.entity_id 
_struct_ref.pdbx_seq_one_letter_code 
_struct_ref.pdbx_align_begin 
_struct_ref.pdbx_db_accession 
_struct_ref.pdbx_db_isoform 
1 GB  U26406 1 GGUGAGGCUG  227 U26406 ? 
2 PDB 3FS0   2 CCAGUCGGAAC 1   3FS0   ? 
# 
loop_
_struct_ref_seq.align_id 
_struct_ref_seq.ref_id 
_struct_ref_seq.pdbx_PDB_id_code 
_struct_ref_seq.pdbx_strand_id 
_struct_ref_seq.seq_align_beg 
_struct_ref_seq.pdbx_seq_align_beg_ins_code 
_struct_ref_seq.seq_align_end 
_struct_ref_seq.pdbx_seq_align_end_ins_code 
_struct_ref_seq.pdbx_db_accession 
_struct_ref_seq.db_align_beg 
_struct_ref_seq.pdbx_db_align_beg_ins_code 
_struct_ref_seq.db_align_end 
_struct_ref_seq.pdbx_db_align_end_ins_code 
_struct_ref_seq.pdbx_auth_seq_align_beg 
_struct_ref_seq.pdbx_auth_seq_align_end 
1 1 3FS0 A 1 ? 10 ? U25406 227 ? 236 ? 44 53 
2 2 3FS0 B 1 ? 11 ? 3FS0   -6  ? 5   ? -6 5  
# 
loop_
_chem_comp.id 
_chem_comp.type 
_chem_comp.mon_nstd_flag 
_chem_comp.name 
_chem_comp.pdbx_synonyms 
_chem_comp.formula 
_chem_comp.formula_weight 
A   'RNA linking' y "ADENOSINE-5'-MONOPHOSPHATE" ? 'C10 H14 N5 O7 P' 347.221 
C   'RNA linking' y "CYTIDINE-5'-MONOPHOSPHATE"  ? 'C9 H14 N3 O8 P'  323.197 
G   'RNA linking' y "GUANOSINE-5'-MONOPHOSPHATE" ? 'C10 H14 N5 O8 P' 363.221 
HOH non-polymer   . WATER                        ? 'H2 O'            18.015  
MG  non-polymer   . 'MAGNESIUM ION'              ? 'Mg 2'            24.305  
U   'RNA linking' y "URIDINE-5'-MONOPHOSPHATE"   ? 'C9 H13 N2 O9 P'  324.181 
# 
_exptl.entry_id          3FS0 
_exptl.method            'X-RAY DIFFRACTION' 
_exptl.crystals_number   1 
# 
_exptl_crystal.id                    1 
_exptl_crystal.density_meas          ? 
_exptl_crystal.density_Matthews      2.29 
_exptl_crystal.density_percent_sol   46.36 
_exptl_crystal.description           ? 
_exptl_crystal.F_000                 ? 
_exptl_crystal.preparation           ? 
# 
_exptl_crystal_grow.crystal_id      1 
_exptl_crystal_grow.method          'VAPOR DIFFUSION, HANGING DROP' 
_exptl_crystal_grow.temp            295 
_exptl_crystal_grow.temp_details    ? 
_exptl_crystal_grow.pH              8.5 
_exptl_crystal_grow.pdbx_details    
'0.2mM RNA duplex, 10mM MgCl2, 25% PEG 4000, 0.2M lithium sulfate, 100mM Tris 8.5, VAPOR DIFFUSION, HANGING DROP, temperature 295K' 
_exptl_crystal_grow.pdbx_pH_range   ? 
# 
loop_
_exptl_crystal_grow_comp.crystal_id 
_exptl_crystal_grow_comp.id 
_exptl_crystal_grow_comp.sol_id 
_exptl_crystal_grow_comp.name 
_exptl_crystal_grow_comp.volume 
_exptl_crystal_grow_comp.conc 
_exptl_crystal_grow_comp.details 
1 1 1 MgCl2             ? ? ? 
1 2 1 'PEG 4000'        ? ? ? 
1 3 1 'lithium sulfate' ? ? ? 
1 4 1 Tris              ? ? ? 
1 5 2 MgCl2             ? ? ? 
1 6 2 'PEG 4000'        ? ? ? 
1 7 2 'lithium sulfate' ? ? ? 
1 8 2 Tris              ? ? ? 
# 
_diffrn.id                     1 
_diffrn.ambient_temp           100 
_diffrn.ambient_temp_details   ? 
_diffrn.crystal_id             1 
# 
_diffrn_detector.diffrn_id              1 
_diffrn_detector.detector               CCD 
_diffrn_detector.type                   'ADSC QUANTUM 210' 
_diffrn_detector.pdbx_collection_date   2005-10-06 
_diffrn_detector.details                ? 
# 
_diffrn_radiation.diffrn_id                        1 
_diffrn_radiation.wavelength_id                    1 
_diffrn_radiation.pdbx_monochromatic_or_laue_m_l   M 
_diffrn_radiation.monochromator                    ? 
_diffrn_radiation.pdbx_diffrn_protocol             'SINGLE WAVELENGTH' 
_diffrn_radiation.pdbx_scattering_type             x-ray 
# 
_diffrn_radiation_wavelength.id           1 
_diffrn_radiation_wavelength.wavelength   1.0 
_diffrn_radiation_wavelength.wt           1.0 
# 
_diffrn_source.diffrn_id                   1 
_diffrn_source.source                      SYNCHROTRON 
_diffrn_source.type                        'ALS BEAMLINE 5.0.1' 
_diffrn_source.pdbx_synchrotron_site       ALS 
_diffrn_source.pdbx_synchrotron_beamline   5.0.1 
_diffrn_source.pdbx_wavelength             ? 
_diffrn_source.pdbx_wavelength_list        1.0 
# 
_reflns.entry_id                     3FS0 
_reflns.observed_criterion_sigma_I   4 
_reflns.observed_criterion_sigma_F   ? 
_reflns.d_resolution_low             30 
_reflns.d_resolution_high            2.3 
_reflns.number_obs                   2663 
_reflns.number_all                   ? 
_reflns.percent_possible_obs         99.5 
_reflns.pdbx_Rmerge_I_obs            0.042 
_reflns.pdbx_Rsym_value              0.042 
_reflns.pdbx_netI_over_sigmaI        31.3 
_reflns.B_iso_Wilson_estimate        29.5 
_reflns.pdbx_redundancy              5.7 
_reflns.R_free_details               ? 
_reflns.limit_h_max                  ? 
_reflns.limit_h_min                  ? 
_reflns.limit_k_max                  ? 
_reflns.limit_k_min                  ? 
_reflns.limit_l_max                  ? 
_reflns.limit_l_min                  ? 
_reflns.observed_criterion_F_max     ? 
_reflns.observed_criterion_F_min     ? 
_reflns.pdbx_chi_squared             ? 
_reflns.pdbx_scaling_rejects         ? 
_reflns.pdbx_diffrn_id               1 
_reflns.pdbx_ordinal                 1 
# 
_reflns_shell.d_res_high             2.3 
_reflns_shell.d_res_low              2.38 
_reflns_shell.percent_possible_all   99.6 
_reflns_shell.Rmerge_I_obs           0.307 
_reflns_shell.pdbx_Rsym_value        0.307 
_reflns_shell.meanI_over_sigI_obs    4.6 
_reflns_shell.pdbx_redundancy        5.4 
_reflns_shell.percent_possible_obs   ? 
_reflns_shell.number_unique_all      242 
_reflns_shell.number_measured_all    ? 
_reflns_shell.number_measured_obs    ? 
_reflns_shell.number_unique_obs      ? 
_reflns_shell.pdbx_chi_squared       ? 
_reflns_shell.pdbx_diffrn_id         ? 
_reflns_shell.pdbx_ordinal           1 
# 
_refine.entry_id                                 3FS0 
_refine.ls_number_reflns_obs                     2653 
_refine.ls_number_reflns_all                     2661 
_refine.pdbx_ls_sigma_I                          0 
_refine.pdbx_ls_sigma_F                          0.0 
_refine.pdbx_data_cutoff_high_absF               436790.98 
_refine.pdbx_data_cutoff_low_absF                0.000000 
_refine.pdbx_data_cutoff_high_rms_absF           ? 
_refine.ls_d_res_low                             23.85 
_refine.ls_d_res_high                            2.30 
_refine.ls_percent_reflns_obs                    99.7 
_refine.ls_R_factor_obs                          0.208 
_refine.ls_R_factor_all                          ? 
_refine.ls_R_factor_R_work                       0.208 
_refine.ls_R_factor_R_free                       0.234 
_refine.ls_R_factor_R_free_error                 0.015 
_refine.ls_R_factor_R_free_error_details         ? 
_refine.ls_percent_reflns_R_free                 9.5 
_refine.ls_number_reflns_R_free                  252 
_refine.ls_number_parameters                     ? 
_refine.ls_number_restraints                     ? 
_refine.occupancy_min                            ? 
_refine.occupancy_max                            ? 
_refine.correlation_coeff_Fo_to_Fc               ? 
_refine.correlation_coeff_Fo_to_Fc_free          ? 
_refine.B_iso_mean                               43.4 
_refine.aniso_B[1][1]                            9.78 
_refine.aniso_B[2][2]                            9.78 
_refine.aniso_B[3][3]                            -19.56 
_refine.aniso_B[1][2]                            10.50 
_refine.aniso_B[1][3]                            0.00 
_refine.aniso_B[2][3]                            0.00 
_refine.solvent_model_details                    'FLAT MODEL' 
_refine.solvent_model_param_ksol                 0.3 
_refine.solvent_model_param_bsol                 25 
_refine.pdbx_solvent_vdw_probe_radii             ? 
_refine.pdbx_solvent_ion_probe_radii             ? 
_refine.pdbx_solvent_shrinkage_radii             ? 
_refine.pdbx_ls_cross_valid_method               THROUGHOUT 
_refine.details                                  ? 
_refine.pdbx_starting_model                      'PDB ENTRY 3FTM' 
_refine.pdbx_method_to_determine_struct          'MOLECULAR REPLACEMENT' 
_refine.pdbx_isotropic_thermal_model             RESTRAINED 
_refine.pdbx_stereochemistry_target_values       'Engh & Huber' 
_refine.pdbx_stereochem_target_val_spec_case     ? 
_refine.pdbx_R_Free_selection_details            RANDOM 
_refine.pdbx_overall_ESU_R                       ? 
_refine.pdbx_overall_ESU_R_Free                  ? 
_refine.overall_SU_ML                            ? 
_refine.overall_SU_B                             ? 
_refine.ls_redundancy_reflns_obs                 ? 
_refine.B_iso_min                                ? 
_refine.B_iso_max                                ? 
_refine.overall_SU_R_Cruickshank_DPI             ? 
_refine.overall_SU_R_free                        ? 
_refine.ls_wR_factor_R_free                      ? 
_refine.ls_wR_factor_R_work                      ? 
_refine.overall_FOM_free_R_set                   ? 
_refine.overall_FOM_work_R_set                   ? 
_refine.pdbx_overall_phase_error                 ? 
_refine.pdbx_refine_id                           'X-RAY DIFFRACTION' 
_refine.pdbx_diffrn_id                           1 
_refine.pdbx_TLS_residual_ADP_flag               ? 
_refine.pdbx_overall_SU_R_free_Cruickshank_DPI   ? 
_refine.pdbx_overall_SU_R_Blow_DPI               ? 
_refine.pdbx_overall_SU_R_free_Blow_DPI          ? 
# 
_refine_analyze.entry_id                        3FS0 
_refine_analyze.Luzzati_coordinate_error_obs    0.36 
_refine_analyze.Luzzati_sigma_a_obs             0.44 
_refine_analyze.Luzzati_d_res_low_obs           5.00 
_refine_analyze.Luzzati_coordinate_error_free   0.44 
_refine_analyze.Luzzati_sigma_a_free            0.44 
_refine_analyze.Luzzati_d_res_low_free          ? 
_refine_analyze.number_disordered_residues      ? 
_refine_analyze.occupancy_sum_hydrogen          ? 
_refine_analyze.occupancy_sum_non_hydrogen      ? 
_refine_analyze.pdbx_Luzzati_d_res_high_obs     ? 
_refine_analyze.pdbx_refine_id                  'X-RAY DIFFRACTION' 
# 
_refine_hist.pdbx_refine_id                   'X-RAY DIFFRACTION' 
_refine_hist.cycle_id                         LAST 
_refine_hist.pdbx_number_atoms_protein        0 
_refine_hist.pdbx_number_atoms_nucleic_acid   449 
_refine_hist.pdbx_number_atoms_ligand         5 
_refine_hist.number_atoms_solvent             12 
_refine_hist.number_atoms_total               466 
_refine_hist.d_res_high                       2.30 
_refine_hist.d_res_low                        23.85 
# 
loop_
_refine_ls_restr.type 
_refine_ls_restr.dev_ideal 
_refine_ls_restr.dev_ideal_target 
_refine_ls_restr.weight 
_refine_ls_restr.number 
_refine_ls_restr.pdbx_refine_id 
_refine_ls_restr.pdbx_restraint_function 
c_bond_d           0.005 ? ? ? 'X-RAY DIFFRACTION' ? 
c_angle_deg        1.2   ? ? ? 'X-RAY DIFFRACTION' ? 
c_dihedral_angle_d 14.9  ? ? ? 'X-RAY DIFFRACTION' ? 
c_improper_angle_d 1.76  ? ? ? 'X-RAY DIFFRACTION' ? 
# 
_refine_ls_shell.pdbx_total_number_of_bins_used   6 
_refine_ls_shell.d_res_high                       2.30 
_refine_ls_shell.d_res_low                        2.44 
_refine_ls_shell.number_reflns_R_work             378 
_refine_ls_shell.R_factor_R_work                  0.360 
_refine_ls_shell.percent_reflns_obs               99.8 
_refine_ls_shell.R_factor_R_free                  0.382 
_refine_ls_shell.R_factor_R_free_error            0.062 
_refine_ls_shell.percent_reflns_R_free            9.1 
_refine_ls_shell.number_reflns_R_free             38 
_refine_ls_shell.number_reflns_all                ? 
_refine_ls_shell.R_factor_all                     ? 
_refine_ls_shell.number_reflns_obs                ? 
_refine_ls_shell.redundancy_reflns_obs            ? 
_refine_ls_shell.pdbx_refine_id                   'X-RAY DIFFRACTION' 
# 
loop_
_pdbx_xplor_file.serial_no 
_pdbx_xplor_file.param_file 
_pdbx_xplor_file.topol_file 
_pdbx_xplor_file.pdbx_refine_id 
1 protein_rep.param protein.top 'X-RAY DIFFRACTION' 
2 pitt.param        pitt.top    'X-RAY DIFFRACTION' 
3 water_rep.param   water.top   'X-RAY DIFFRACTION' 
4 ion.param         ion.top     'X-RAY DIFFRACTION' 
# 
_struct.entry_id                  3FS0 
_struct.title                     'Class II ligase ribozyme product-template duplex, structure 2' 
_struct.pdbx_model_details        ? 
_struct.pdbx_CASP_flag            N 
_struct.pdbx_model_type_details   ? 
# 
_struct_keywords.entry_id        3FS0 
_struct_keywords.pdbx_keywords   RNA 
_struct_keywords.text            
;ribozyme, ligase, 2'-5', 2-5, 2p5, RNA
;
# 
loop_
_struct_asym.id 
_struct_asym.pdbx_blank_PDB_chainid_flag 
_struct_asym.pdbx_modified 
_struct_asym.entity_id 
_struct_asym.details 
A N N 1 ? 
B N N 2 ? 
C N N 3 ? 
D N N 3 ? 
E N N 3 ? 
F N N 3 ? 
G N N 3 ? 
H N N 4 ? 
I N N 4 ? 
# 
_struct_biol.id        1 
_struct_biol.details   ? 
# 
loop_
_struct_conn.id 
_struct_conn.conn_type_id 
_struct_conn.pdbx_leaving_atom_flag 
_struct_conn.pdbx_PDB_id 
_struct_conn.ptnr1_label_asym_id 
_struct_conn.ptnr1_label_comp_id 
_struct_conn.ptnr1_label_seq_id 
_struct_conn.ptnr1_label_atom_id 
_struct_conn.pdbx_ptnr1_label_alt_id 
_struct_conn.pdbx_ptnr1_PDB_ins_code 
_struct_conn.pdbx_ptnr1_standard_comp_id 
_struct_conn.ptnr1_symmetry 
_struct_conn.ptnr2_label_asym_id 
_struct_conn.ptnr2_label_comp_id 
_struct_conn.ptnr2_label_seq_id 
_struct_conn.ptnr2_label_atom_id 
_struct_conn.pdbx_ptnr2_label_alt_id 
_struct_conn.pdbx_ptnr2_PDB_ins_code 
_struct_conn.ptnr1_auth_asym_id 
_struct_conn.ptnr1_auth_comp_id 
_struct_conn.ptnr1_auth_seq_id 
_struct_conn.ptnr2_auth_asym_id 
_struct_conn.ptnr2_auth_comp_id 
_struct_conn.ptnr2_auth_seq_id 
_struct_conn.ptnr2_symmetry 
_struct_conn.pdbx_ptnr3_label_atom_id 
_struct_conn.pdbx_ptnr3_label_seq_id 
_struct_conn.pdbx_ptnr3_label_comp_id 
_struct_conn.pdbx_ptnr3_label_asym_id 
_struct_conn.pdbx_ptnr3_label_alt_id 
_struct_conn.pdbx_ptnr3_PDB_ins_code 
_struct_conn.details 
_struct_conn.pdbx_dist_value 
_struct_conn.pdbx_value_order 
_struct_conn.pdbx_role 
covale1  covale one ? B C 6  "O2'" ? ? ? 1_555 B G 7  P  ? ? B C -1 B G 1  1_555 ? ? ? ? ? ? ?            1.604 ? ? 
hydrog1  hydrog ?   ? A G 2  N1    ? ? ? 1_555 B C 11 N3 ? ? A G 45 B C 5  1_555 ? ? ? ? ? ? WATSON-CRICK ?     ? ? 
hydrog2  hydrog ?   ? A G 2  N2    ? ? ? 1_555 B C 11 O2 ? ? A G 45 B C 5  1_555 ? ? ? ? ? ? WATSON-CRICK ?     ? ? 
hydrog3  hydrog ?   ? A G 2  O6    ? ? ? 1_555 B C 11 N4 ? ? A G 45 B C 5  1_555 ? ? ? ? ? ? WATSON-CRICK ?     ? ? 
hydrog4  hydrog ?   ? A U 3  N3    ? ? ? 1_555 B A 10 N1 ? ? A U 46 B A 4  1_555 ? ? ? ? ? ? WATSON-CRICK ?     ? ? 
hydrog5  hydrog ?   ? A U 3  O4    ? ? ? 1_555 B A 10 N6 ? ? A U 46 B A 4  1_555 ? ? ? ? ? ? WATSON-CRICK ?     ? ? 
hydrog6  hydrog ?   ? A A 5  N6    ? ? ? 1_555 B G 7  N3 ? ? A A 48 B G 1  1_555 ? ? ? ? ? ? TYPE_11_PAIR ?     ? ? 
hydrog7  hydrog ?   ? A A 5  N7    ? ? ? 1_555 B G 7  N2 ? ? A A 48 B G 1  1_555 ? ? ? ? ? ? TYPE_11_PAIR ?     ? ? 
hydrog8  hydrog ?   ? A G 6  N1    ? ? ? 1_555 B C 6  N3 ? ? A G 49 B C -1 1_555 ? ? ? ? ? ? WATSON-CRICK ?     ? ? 
hydrog9  hydrog ?   ? A G 6  N2    ? ? ? 1_555 B C 6  O2 ? ? A G 49 B C -1 1_555 ? ? ? ? ? ? WATSON-CRICK ?     ? ? 
hydrog10 hydrog ?   ? A G 6  O6    ? ? ? 1_555 B C 6  N4 ? ? A G 49 B C -1 1_555 ? ? ? ? ? ? WATSON-CRICK ?     ? ? 
hydrog11 hydrog ?   ? A G 7  N1    ? ? ? 1_555 B U 5  O2 ? ? A G 50 B U -2 1_555 ? ? ? ? ? ? TYPE_28_PAIR ?     ? ? 
hydrog12 hydrog ?   ? A G 7  O6    ? ? ? 1_555 B U 5  N3 ? ? A G 50 B U -2 1_555 ? ? ? ? ? ? TYPE_28_PAIR ?     ? ? 
hydrog13 hydrog ?   ? A C 8  N3    ? ? ? 1_555 B G 4  N1 ? ? A C 51 B G -3 1_555 ? ? ? ? ? ? WATSON-CRICK ?     ? ? 
hydrog14 hydrog ?   ? A C 8  N4    ? ? ? 1_555 B G 4  O6 ? ? A C 51 B G -3 1_555 ? ? ? ? ? ? WATSON-CRICK ?     ? ? 
hydrog15 hydrog ?   ? A C 8  O2    ? ? ? 1_555 B G 4  N2 ? ? A C 51 B G -3 1_555 ? ? ? ? ? ? WATSON-CRICK ?     ? ? 
hydrog16 hydrog ?   ? A U 9  N3    ? ? ? 1_555 B A 3  N1 ? ? A U 52 B A -4 1_555 ? ? ? ? ? ? WATSON-CRICK ?     ? ? 
hydrog17 hydrog ?   ? A U 9  O4    ? ? ? 1_555 B A 3  N6 ? ? A U 52 B A -4 1_555 ? ? ? ? ? ? WATSON-CRICK ?     ? ? 
hydrog18 hydrog ?   ? A G 10 N1    ? ? ? 1_555 B C 2  N3 ? ? A G 53 B C -5 1_555 ? ? ? ? ? ? WATSON-CRICK ?     ? ? 
hydrog19 hydrog ?   ? A G 10 N2    ? ? ? 1_555 B C 2  O2 ? ? A G 53 B C -5 1_555 ? ? ? ? ? ? WATSON-CRICK ?     ? ? 
hydrog20 hydrog ?   ? A G 10 O6    ? ? ? 1_555 B C 2  N4 ? ? A G 53 B C -5 1_555 ? ? ? ? ? ? WATSON-CRICK ?     ? ? 
# 
loop_
_struct_conn_type.id 
_struct_conn_type.criteria 
_struct_conn_type.reference 
covale ? ? 
hydrog ? ? 
# 
loop_
_struct_site.id 
_struct_site.pdbx_evidence_code 
_struct_site.pdbx_auth_asym_id 
_struct_site.pdbx_auth_comp_id 
_struct_site.pdbx_auth_seq_id 
_struct_site.pdbx_auth_ins_code 
_struct_site.pdbx_num_residues 
_struct_site.details 
AC1 Software A MG 103 ? 4 'BINDING SITE FOR RESIDUE MG A 103' 
AC2 Software B MG 108 ? 2 'BINDING SITE FOR RESIDUE MG B 108' 
AC3 Software B MG 109 ? 1 'BINDING SITE FOR RESIDUE MG B 109' 
AC4 Software B MG 104 ? 2 'BINDING SITE FOR RESIDUE MG B 104' 
AC5 Software B MG 140 ? 6 'BINDING SITE FOR RESIDUE MG B 140' 
# 
loop_
_struct_site_gen.id 
_struct_site_gen.site_id 
_struct_site_gen.pdbx_num_res 
_struct_site_gen.label_comp_id 
_struct_site_gen.label_asym_id 
_struct_site_gen.label_seq_id 
_struct_site_gen.pdbx_auth_ins_code 
_struct_site_gen.auth_comp_id 
_struct_site_gen.auth_asym_id 
_struct_site_gen.auth_seq_id 
_struct_site_gen.label_atom_id 
_struct_site_gen.label_alt_id 
_struct_site_gen.symmetry 
_struct_site_gen.details 
1  AC1 4 A   A 5  ? A   A 48  . ? 1_555 ? 
2  AC1 4 U   A 9  ? U   A 52  . ? 2_665 ? 
3  AC1 4 G   B 8  ? G   B 2   . ? 1_555 ? 
4  AC1 4 HOH I .  ? HOH B 130 . ? 2_665 ? 
5  AC2 2 U   B 5  ? U   B -2  . ? 1_555 ? 
6  AC2 2 HOH I .  ? HOH B 137 . ? 1_555 ? 
7  AC3 1 A   B 10 ? A   B 4   . ? 1_555 ? 
8  AC4 2 C   B 1  ? C   B -6  . ? 1_665 ? 
9  AC4 2 C   B 11 ? C   B 5   . ? 1_555 ? 
10 AC5 6 U   A 3  ? U   A 46  . ? 1_555 ? 
11 AC5 6 G   A 4  ? G   A 47  . ? 1_555 ? 
12 AC5 6 G   B 8  ? G   B 2   . ? 1_555 ? 
13 AC5 6 A   B 9  ? A   B 3   . ? 1_555 ? 
14 AC5 6 A   B 10 ? A   B 4   . ? 1_555 ? 
15 AC5 6 HOH I .  ? HOH B 112 . ? 1_555 ? 
# 
_atom_sites.entry_id                    3FS0 
_atom_sites.fract_transf_matrix[1][1]   -0.01599389 
_atom_sites.fract_transf_matrix[1][2]   0.02707404 
_atom_sites.fract_transf_matrix[1][3]   0.02210700 
_atom_sites.fract_transf_matrix[2][1]   -0.03006085 
_atom_sites.fract_transf_matrix[2][2]   -0.00869802 
_atom_sites.fract_transf_matrix[2][3]   0.02232143 
_atom_sites.fract_transf_matrix[3][1]   0.01043402 
_atom_sites.fract_transf_matrix[3][2]   -0.00402824 
_atom_sites.fract_transf_matrix[3][3]   0.01248207 
_atom_sites.fract_transf_vector[1]      0.572402 
_atom_sites.fract_transf_vector[2]      0.726895 
_atom_sites.fract_transf_vector[3]      0.765864 
# 
loop_
_atom_type.symbol 
C  
MG 
N  
O  
P  
# 
loop_
_atom_site.group_PDB 
_atom_site.id 
_atom_site.type_symbol 
_atom_site.label_atom_id 
_atom_site.label_alt_id 
_atom_site.label_comp_id 
_atom_site.label_asym_id 
_atom_site.label_entity_id 
_atom_site.label_seq_id 
_atom_site.pdbx_PDB_ins_code 
_atom_site.Cartn_x 
_atom_site.Cartn_y 
_atom_site.Cartn_z 
_atom_site.occupancy 
_atom_site.B_iso_or_equiv 
_atom_site.pdbx_formal_charge 
_atom_site.auth_seq_id 
_atom_site.auth_comp_id 
_atom_site.auth_asym_id 
_atom_site.auth_atom_id 
_atom_site.pdbx_PDB_model_num 
ATOM   1   O  "O5'" . G   A 1 1  ? -12.536 3.278   2.414   1.00 53.70 ? 44  G   A "O5'" 1 
ATOM   2   C  "C5'" . G   A 1 1  ? -12.838 4.177   1.343   1.00 48.27 ? 44  G   A "C5'" 1 
ATOM   3   C  "C4'" . G   A 1 1  ? -12.544 5.609   1.720   1.00 45.50 ? 44  G   A "C4'" 1 
ATOM   4   O  "O4'" . G   A 1 1  ? -13.181 5.899   2.991   1.00 43.55 ? 44  G   A "O4'" 1 
ATOM   5   C  "C3'" . G   A 1 1  ? -11.079 5.950   1.952   1.00 43.69 ? 44  G   A "C3'" 1 
ATOM   6   O  "O3'" . G   A 1 1  ? -10.423 6.270   0.733   1.00 45.27 ? 44  G   A "O3'" 1 
ATOM   7   C  "C2'" . G   A 1 1  ? -11.181 7.168   2.855   1.00 43.35 ? 44  G   A "C2'" 1 
ATOM   8   O  "O2'" . G   A 1 1  ? -11.497 8.354   2.156   1.00 38.52 ? 44  G   A "O2'" 1 
ATOM   9   C  "C1'" . G   A 1 1  ? -12.357 6.774   3.748   1.00 44.07 ? 44  G   A "C1'" 1 
ATOM   10  N  N9    . G   A 1 1  ? -11.934 6.084   4.967   1.00 44.09 ? 44  G   A N9    1 
ATOM   11  C  C8    . G   A 1 1  ? -12.184 4.777   5.314   1.00 44.29 ? 44  G   A C8    1 
ATOM   12  N  N7    . G   A 1 1  ? -11.686 4.451   6.476   1.00 44.87 ? 44  G   A N7    1 
ATOM   13  C  C5    . G   A 1 1  ? -11.065 5.608   6.922   1.00 42.97 ? 44  G   A C5    1 
ATOM   14  C  C6    . G   A 1 1  ? -10.353 5.861   8.121   1.00 41.91 ? 44  G   A C6    1 
ATOM   15  O  O6    . G   A 1 1  ? -10.125 5.089   9.055   1.00 41.96 ? 44  G   A O6    1 
ATOM   16  N  N1    . G   A 1 1  ? -9.889  7.171   8.173   1.00 42.53 ? 44  G   A N1    1 
ATOM   17  C  C2    . G   A 1 1  ? -10.086 8.118   7.198   1.00 41.89 ? 44  G   A C2    1 
ATOM   18  N  N2    . G   A 1 1  ? -9.566  9.333   7.435   1.00 42.31 ? 44  G   A N2    1 
ATOM   19  N  N3    . G   A 1 1  ? -10.745 7.892   6.072   1.00 40.99 ? 44  G   A N3    1 
ATOM   20  C  C4    . G   A 1 1  ? -11.206 6.626   6.003   1.00 42.20 ? 44  G   A C4    1 
ATOM   21  P  P     . G   A 1 2  ? -8.839  6.040   0.596   1.00 44.65 ? 45  G   A P     1 
ATOM   22  O  OP1   . G   A 1 2  ? -8.430  6.422   -0.780  1.00 47.25 ? 45  G   A OP1   1 
ATOM   23  O  OP2   . G   A 1 2  ? -8.559  4.663   1.087   1.00 46.07 ? 45  G   A OP2   1 
ATOM   24  O  "O5'" . G   A 1 2  ? -8.194  7.100   1.594   1.00 44.41 ? 45  G   A "O5'" 1 
ATOM   25  C  "C5'" . G   A 1 2  ? -8.175  8.492   1.267   1.00 43.65 ? 45  G   A "C5'" 1 
ATOM   26  C  "C4'" . G   A 1 2  ? -7.395  9.268   2.300   1.00 43.47 ? 45  G   A "C4'" 1 
ATOM   27  O  "O4'" . G   A 1 2  ? -8.004  9.063   3.602   1.00 44.84 ? 45  G   A "O4'" 1 
ATOM   28  C  "C3'" . G   A 1 2  ? -5.950  8.841   2.504   1.00 45.15 ? 45  G   A "C3'" 1 
ATOM   29  O  "O3'" . G   A 1 2  ? -5.096  9.444   1.530   1.00 46.44 ? 45  G   A "O3'" 1 
ATOM   30  C  "C2'" . G   A 1 2  ? -5.663  9.333   3.922   1.00 43.14 ? 45  G   A "C2'" 1 
ATOM   31  O  "O2'" . G   A 1 2  ? -5.391  10.718  4.000   1.00 43.60 ? 45  G   A "O2'" 1 
ATOM   32  C  "C1'" . G   A 1 2  ? -7.003  9.074   4.607   1.00 43.39 ? 45  G   A "C1'" 1 
ATOM   33  N  N9    . G   A 1 2  ? -7.072  7.818   5.353   1.00 43.98 ? 45  G   A N9    1 
ATOM   34  C  C8    . G   A 1 2  ? -7.712  6.658   4.987   1.00 43.42 ? 45  G   A C8    1 
ATOM   35  N  N7    . G   A 1 2  ? -7.630  5.719   5.889   1.00 42.38 ? 45  G   A N7    1 
ATOM   36  C  C5    . G   A 1 2  ? -6.879  6.288   6.908   1.00 43.34 ? 45  G   A C5    1 
ATOM   37  C  C6    . G   A 1 2  ? -6.458  5.745   8.155   1.00 43.40 ? 45  G   A C6    1 
ATOM   38  O  O6    . G   A 1 2  ? -6.672  4.614   8.617   1.00 39.87 ? 45  G   A O6    1 
ATOM   39  N  N1    . G   A 1 2  ? -5.710  6.666   8.883   1.00 44.20 ? 45  G   A N1    1 
ATOM   40  C  C2    . G   A 1 2  ? -5.399  7.943   8.466   1.00 47.43 ? 45  G   A C2    1 
ATOM   41  N  N2    . G   A 1 2  ? -4.651  8.683   9.306   1.00 48.35 ? 45  G   A N2    1 
ATOM   42  N  N3    . G   A 1 2  ? -5.787  8.459   7.310   1.00 46.12 ? 45  G   A N3    1 
ATOM   43  C  C4    . G   A 1 2  ? -6.520  7.581   6.589   1.00 44.58 ? 45  G   A C4    1 
ATOM   44  P  P     . U   A 1 3  ? -3.829  8.627   0.966   1.00 46.36 ? 46  U   A P     1 
ATOM   45  O  OP1   . U   A 1 3  ? -3.202  9.415   -0.126  1.00 46.32 ? 46  U   A OP1   1 
ATOM   46  O  OP2   . U   A 1 3  ? -4.265  7.226   0.705   1.00 41.68 ? 46  U   A OP2   1 
ATOM   47  O  "O5'" . U   A 1 3  ? -2.820  8.611   2.201   1.00 47.24 ? 46  U   A "O5'" 1 
ATOM   48  C  "C5'" . U   A 1 3  ? -2.274  9.823   2.725   1.00 47.87 ? 46  U   A "C5'" 1 
ATOM   49  C  "C4'" . U   A 1 3  ? -1.484  9.544   3.990   1.00 50.53 ? 46  U   A "C4'" 1 
ATOM   50  O  "O4'" . U   A 1 3  ? -2.384  9.133   5.053   1.00 52.46 ? 46  U   A "O4'" 1 
ATOM   51  C  "C3'" . U   A 1 3  ? -0.473  8.409   3.914   1.00 50.90 ? 46  U   A "C3'" 1 
ATOM   52  O  "O3'" . U   A 1 3  ? 0.742   8.850   3.314   1.00 49.40 ? 46  U   A "O3'" 1 
ATOM   53  C  "C2'" . U   A 1 3  ? -0.295  8.022   5.383   1.00 52.58 ? 46  U   A "C2'" 1 
ATOM   54  O  "O2'" . U   A 1 3  ? 0.644   8.799   6.102   1.00 53.79 ? 46  U   A "O2'" 1 
ATOM   55  C  "C1'" . U   A 1 3  ? -1.699  8.270   5.946   1.00 51.57 ? 46  U   A "C1'" 1 
ATOM   56  N  N1    . U   A 1 3  ? -2.473  7.031   6.125   1.00 50.84 ? 46  U   A N1    1 
ATOM   57  C  C2    . U   A 1 3  ? -2.402  6.426   7.365   1.00 49.84 ? 46  U   A C2    1 
ATOM   58  O  O2    . U   A 1 3  ? -1.772  6.900   8.299   1.00 52.38 ? 46  U   A O2    1 
ATOM   59  N  N3    . U   A 1 3  ? -3.098  5.249   7.479   1.00 48.11 ? 46  U   A N3    1 
ATOM   60  C  C4    . U   A 1 3  ? -3.846  4.626   6.510   1.00 48.66 ? 46  U   A C4    1 
ATOM   61  O  O4    . U   A 1 3  ? -4.383  3.542   6.766   1.00 47.80 ? 46  U   A O4    1 
ATOM   62  C  C5    . U   A 1 3  ? -3.892  5.321   5.256   1.00 48.95 ? 46  U   A C5    1 
ATOM   63  C  C6    . U   A 1 3  ? -3.220  6.473   5.110   1.00 49.54 ? 46  U   A C6    1 
ATOM   64  P  P     . G   A 1 4  ? 1.526   7.881   2.299   1.00 50.36 ? 47  G   A P     1 
ATOM   65  O  OP1   . G   A 1 4  ? 2.780   8.581   1.898   1.00 50.83 ? 47  G   A OP1   1 
ATOM   66  O  OP2   . G   A 1 4  ? 0.570   7.445   1.250   1.00 47.03 ? 47  G   A OP2   1 
ATOM   67  O  "O5'" . G   A 1 4  ? 1.904   6.607   3.191   1.00 48.59 ? 47  G   A "O5'" 1 
ATOM   68  C  "C5'" . G   A 1 4  ? 2.706   6.747   4.371   1.00 46.61 ? 47  G   A "C5'" 1 
ATOM   69  C  "C4'" . G   A 1 4  ? 3.128   5.389   4.913   1.00 45.15 ? 47  G   A "C4'" 1 
ATOM   70  O  "O4'" . G   A 1 4  ? 1.969   4.639   5.371   1.00 44.82 ? 47  G   A "O4'" 1 
ATOM   71  C  "C3'" . G   A 1 4  ? 3.786   4.534   3.822   1.00 44.73 ? 47  G   A "C3'" 1 
ATOM   72  O  "O3'" . G   A 1 4  ? 4.869   3.793   4.391   1.00 48.35 ? 47  G   A "O3'" 1 
ATOM   73  C  "C2'" . G   A 1 4  ? 2.670   3.622   3.305   1.00 44.03 ? 47  G   A "C2'" 1 
ATOM   74  O  "O2'" . G   A 1 4  ? 3.088   2.326   2.940   1.00 40.52 ? 47  G   A "O2'" 1 
ATOM   75  C  "C1'" . G   A 1 4  ? 1.803   3.511   4.557   1.00 43.14 ? 47  G   A "C1'" 1 
ATOM   76  N  N9    . G   A 1 4  ? 0.423   3.046   4.532   1.00 43.95 ? 47  G   A N9    1 
ATOM   77  C  C8    . G   A 1 4  ? -0.063  1.977   5.244   1.00 44.72 ? 47  G   A C8    1 
ATOM   78  N  N7    . G   A 1 4  ? -1.299  1.686   4.957   1.00 45.22 ? 47  G   A N7    1 
ATOM   79  C  C5    . G   A 1 4  ? -1.662  2.637   4.017   1.00 45.38 ? 47  G   A C5    1 
ATOM   80  C  C6    . G   A 1 4  ? -2.877  2.813   3.337   1.00 45.40 ? 47  G   A C6    1 
ATOM   81  O  O6    . G   A 1 4  ? -3.905  2.138   3.420   1.00 48.81 ? 47  G   A O6    1 
ATOM   82  N  N1    . G   A 1 4  ? -2.827  3.906   2.479   1.00 46.30 ? 47  G   A N1    1 
ATOM   83  C  C2    . G   A 1 4  ? -1.738  4.724   2.300   1.00 45.10 ? 47  G   A C2    1 
ATOM   84  N  N2    . G   A 1 4  ? -1.892  5.737   1.434   1.00 43.99 ? 47  G   A N2    1 
ATOM   85  N  N3    . G   A 1 4  ? -0.585  4.561   2.928   1.00 44.49 ? 47  G   A N3    1 
ATOM   86  C  C4    . G   A 1 4  ? -0.618  3.503   3.765   1.00 44.46 ? 47  G   A C4    1 
ATOM   87  P  P     . A   A 1 5  ? 6.371   3.950   3.851   1.00 49.22 ? 48  A   A P     1 
ATOM   88  O  OP1   . A   A 1 5  ? 6.981   5.113   4.553   1.00 45.08 ? 48  A   A OP1   1 
ATOM   89  O  OP2   . A   A 1 5  ? 6.362   3.903   2.357   1.00 48.55 ? 48  A   A OP2   1 
ATOM   90  O  "O5'" . A   A 1 5  ? 7.060   2.623   4.410   1.00 45.33 ? 48  A   A "O5'" 1 
ATOM   91  C  "C5'" . A   A 1 5  ? 6.726   1.339   3.877   1.00 43.31 ? 48  A   A "C5'" 1 
ATOM   92  C  "C4'" . A   A 1 5  ? 6.795   0.273   4.954   1.00 41.54 ? 48  A   A "C4'" 1 
ATOM   93  O  "O4'" . A   A 1 5  ? 5.654   0.401   5.857   1.00 40.25 ? 48  A   A "O4'" 1 
ATOM   94  C  "C3'" . A   A 1 5  ? 6.674   -1.146  4.428   1.00 40.94 ? 48  A   A "C3'" 1 
ATOM   95  O  "O3'" . A   A 1 5  ? 7.915   -1.650  3.977   1.00 42.15 ? 48  A   A "O3'" 1 
ATOM   96  C  "C2'" . A   A 1 5  ? 6.177   -1.899  5.651   1.00 43.22 ? 48  A   A "C2'" 1 
ATOM   97  O  "O2'" . A   A 1 5  ? 7.200   -2.192  6.583   1.00 43.88 ? 48  A   A "O2'" 1 
ATOM   98  C  "C1'" . A   A 1 5  ? 5.178   -0.892  6.224   1.00 40.71 ? 48  A   A "C1'" 1 
ATOM   99  N  N9    . A   A 1 5  ? 3.846   -1.097  5.634   1.00 40.47 ? 48  A   A N9    1 
ATOM   100 C  C8    . A   A 1 5  ? 3.176   -0.283  4.759   1.00 39.60 ? 48  A   A C8    1 
ATOM   101 N  N7    . A   A 1 5  ? 2.026   -0.769  4.354   1.00 38.88 ? 48  A   A N7    1 
ATOM   102 C  C5    . A   A 1 5  ? 1.924   -1.981  5.021   1.00 39.15 ? 48  A   A C5    1 
ATOM   103 C  C6    . A   A 1 5  ? 0.921   -2.982  5.025   1.00 39.43 ? 48  A   A C6    1 
ATOM   104 N  N6    . A   A 1 5  ? -0.203  -2.917  4.300   1.00 37.66 ? 48  A   A N6    1 
ATOM   105 N  N1    . A   A 1 5  ? 1.119   -4.063  5.811   1.00 37.98 ? 48  A   A N1    1 
ATOM   106 C  C2    . A   A 1 5  ? 2.245   -4.124  6.535   1.00 38.94 ? 48  A   A C2    1 
ATOM   107 N  N3    . A   A 1 5  ? 3.253   -3.250  6.614   1.00 38.10 ? 48  A   A N3    1 
ATOM   108 C  C4    . A   A 1 5  ? 3.028   -2.190  5.824   1.00 38.56 ? 48  A   A C4    1 
ATOM   109 P  P     . G   A 1 6  ? 8.026   -2.254  2.496   1.00 45.67 ? 49  G   A P     1 
ATOM   110 O  OP1   . G   A 1 6  ? 9.385   -2.820  2.286   1.00 47.40 ? 49  G   A OP1   1 
ATOM   111 O  OP2   . G   A 1 6  ? 7.530   -1.194  1.589   1.00 44.85 ? 49  G   A OP2   1 
ATOM   112 O  "O5'" . G   A 1 6  ? 6.999   -3.471  2.493   1.00 42.44 ? 49  G   A "O5'" 1 
ATOM   113 C  "C5'" . G   A 1 6  ? 7.191   -4.584  3.356   1.00 41.51 ? 49  G   A "C5'" 1 
ATOM   114 C  "C4'" . G   A 1 6  ? 5.941   -5.430  3.403   1.00 42.04 ? 49  G   A "C4'" 1 
ATOM   115 O  "O4'" . G   A 1 6  ? 4.826   -4.582  3.791   1.00 44.29 ? 49  G   A "O4'" 1 
ATOM   116 C  "C3'" . G   A 1 6  ? 5.498   -6.022  2.078   1.00 41.94 ? 49  G   A "C3'" 1 
ATOM   117 O  "O3'" . G   A 1 6  ? 6.173   -7.243  1.792   1.00 43.62 ? 49  G   A "O3'" 1 
ATOM   118 C  "C2'" . G   A 1 6  ? 4.008   -6.235  2.306   1.00 42.93 ? 49  G   A "C2'" 1 
ATOM   119 O  "O2'" . G   A 1 6  ? 3.708   -7.380  3.079   1.00 42.95 ? 49  G   A "O2'" 1 
ATOM   120 C  "C1'" . G   A 1 6  ? 3.652   -4.982  3.099   1.00 41.45 ? 49  G   A "C1'" 1 
ATOM   121 N  N9    . G   A 1 6  ? 3.194   -3.870  2.263   1.00 38.55 ? 49  G   A N9    1 
ATOM   122 C  C8    . G   A 1 6  ? 3.826   -2.667  2.055   1.00 38.02 ? 49  G   A C8    1 
ATOM   123 N  N7    . G   A 1 6  ? 3.150   -1.860  1.280   1.00 35.83 ? 49  G   A N7    1 
ATOM   124 C  C5    . G   A 1 6  ? 2.007   -2.577  0.948   1.00 34.33 ? 49  G   A C5    1 
ATOM   125 C  C6    . G   A 1 6  ? 0.911   -2.221  0.128   1.00 33.61 ? 49  G   A C6    1 
ATOM   126 O  O6    . G   A 1 6  ? 0.732   -1.167  -0.491  1.00 28.50 ? 49  G   A O6    1 
ATOM   127 N  N1    . G   A 1 6  ? -0.036  -3.246  0.062   1.00 32.65 ? 49  G   A N1    1 
ATOM   128 C  C2    . G   A 1 6  ? 0.069   -4.462  0.707   1.00 33.25 ? 49  G   A C2    1 
ATOM   129 N  N2    . G   A 1 6  ? -0.947  -5.332  0.545   1.00 30.97 ? 49  G   A N2    1 
ATOM   130 N  N3    . G   A 1 6  ? 1.094   -4.803  1.461   1.00 32.38 ? 49  G   A N3    1 
ATOM   131 C  C4    . G   A 1 6  ? 2.020   -3.822  1.540   1.00 34.82 ? 49  G   A C4    1 
ATOM   132 P  P     . G   A 1 7  ? 6.282   -7.751  0.270   1.00 44.13 ? 50  G   A P     1 
ATOM   133 O  OP1   . G   A 1 7  ? 7.137   -8.961  0.209   1.00 44.60 ? 50  G   A OP1   1 
ATOM   134 O  OP2   . G   A 1 7  ? 6.628   -6.566  -0.568  1.00 43.91 ? 50  G   A OP2   1 
ATOM   135 O  "O5'" . G   A 1 7  ? 4.792   -8.181  -0.078  1.00 41.70 ? 50  G   A "O5'" 1 
ATOM   136 C  "C5'" . G   A 1 7  ? 4.181   -9.290  0.563   1.00 41.91 ? 50  G   A "C5'" 1 
ATOM   137 C  "C4'" . G   A 1 7  ? 2.863   -9.607  -0.102  1.00 40.47 ? 50  G   A "C4'" 1 
ATOM   138 O  "O4'" . G   A 1 7  ? 1.941   -8.512  0.138   1.00 40.74 ? 50  G   A "O4'" 1 
ATOM   139 C  "C3'" . G   A 1 7  ? 2.902   -9.688  -1.619  1.00 40.94 ? 50  G   A "C3'" 1 
ATOM   140 O  "O3'" . G   A 1 7  ? 3.393   -10.928 -2.120  1.00 42.27 ? 50  G   A "O3'" 1 
ATOM   141 C  "C2'" . G   A 1 7  ? 1.446   -9.455  -1.973  1.00 38.61 ? 50  G   A "C2'" 1 
ATOM   142 O  "O2'" . G   A 1 7  ? 0.622   -10.584 -1.735  1.00 38.62 ? 50  G   A "O2'" 1 
ATOM   143 C  "C1'" . G   A 1 7  ? 1.094   -8.346  -0.988  1.00 36.80 ? 50  G   A "C1'" 1 
ATOM   144 N  N9    . G   A 1 7  ? 1.283   -7.006  -1.544  1.00 34.66 ? 50  G   A N9    1 
ATOM   145 C  C8    . G   A 1 7  ? 2.320   -6.126  -1.321  1.00 32.67 ? 50  G   A C8    1 
ATOM   146 N  N7    . G   A 1 7  ? 2.170   -4.989  -1.946  1.00 29.26 ? 50  G   A N7    1 
ATOM   147 C  C5    . G   A 1 7  ? 0.969   -5.129  -2.630  1.00 31.04 ? 50  G   A C5    1 
ATOM   148 C  C6    . G   A 1 7  ? 0.268   -4.216  -3.483  1.00 31.03 ? 50  G   A C6    1 
ATOM   149 O  O6    . G   A 1 7  ? 0.582   -3.063  -3.807  1.00 28.79 ? 50  G   A O6    1 
ATOM   150 N  N1    . G   A 1 7  ? -0.915  -4.775  -3.969  1.00 30.29 ? 50  G   A N1    1 
ATOM   151 C  C2    . G   A 1 7  ? -1.370  -6.045  -3.680  1.00 31.14 ? 50  G   A C2    1 
ATOM   152 N  N2    . G   A 1 7  ? -2.527  -6.417  -4.248  1.00 26.68 ? 50  G   A N2    1 
ATOM   153 N  N3    . G   A 1 7  ? -0.735  -6.892  -2.888  1.00 31.38 ? 50  G   A N3    1 
ATOM   154 C  C4    . G   A 1 7  ? 0.417   -6.372  -2.401  1.00 31.65 ? 50  G   A C4    1 
ATOM   155 P  P     . C   A 1 8  ? 4.148   -10.956 -3.538  1.00 45.06 ? 51  C   A P     1 
ATOM   156 O  OP1   . C   A 1 8  ? 4.614   -12.354 -3.787  1.00 45.93 ? 51  C   A OP1   1 
ATOM   157 O  OP2   . C   A 1 8  ? 5.138   -9.836  -3.550  1.00 45.72 ? 51  C   A OP2   1 
ATOM   158 O  "O5'" . C   A 1 8  ? 3.004   -10.571 -4.583  1.00 46.42 ? 51  C   A "O5'" 1 
ATOM   159 C  "C5'" . C   A 1 8  ? 1.927   -11.465 -4.869  1.00 45.40 ? 51  C   A "C5'" 1 
ATOM   160 C  "C4'" . C   A 1 8  ? 0.958   -10.832 -5.848  1.00 45.14 ? 51  C   A "C4'" 1 
ATOM   161 O  "O4'" . C   A 1 8  ? 0.435   -9.607  -5.255  1.00 45.11 ? 51  C   A "O4'" 1 
ATOM   162 C  "C3'" . C   A 1 8  ? 1.520   -10.367 -7.190  1.00 44.32 ? 51  C   A "C3'" 1 
ATOM   163 O  "O3'" . C   A 1 8  ? 1.611   -11.413 -8.156  1.00 42.26 ? 51  C   A "O3'" 1 
ATOM   164 C  "C2'" . C   A 1 8  ? 0.489   -9.328  -7.614  1.00 45.82 ? 51  C   A "C2'" 1 
ATOM   165 O  "O2'" . C   A 1 8  ? -0.688  -9.905  -8.156  1.00 46.79 ? 51  C   A "O2'" 1 
ATOM   166 C  "C1'" . C   A 1 8  ? 0.180   -8.653  -6.275  1.00 45.00 ? 51  C   A "C1'" 1 
ATOM   167 N  N1    . C   A 1 8  ? 1.031   -7.472  -6.044  1.00 43.59 ? 51  C   A N1    1 
ATOM   168 C  C2    . C   A 1 8  ? 0.712   -6.271  -6.700  1.00 44.30 ? 51  C   A C2    1 
ATOM   169 O  O2    . C   A 1 8  ? -0.283  -6.237  -7.444  1.00 46.73 ? 51  C   A O2    1 
ATOM   170 N  N3    . C   A 1 8  ? 1.498   -5.184  -6.509  1.00 41.93 ? 51  C   A N3    1 
ATOM   171 C  C4    . C   A 1 8  ? 2.562   -5.261  -5.704  1.00 41.91 ? 51  C   A C4    1 
ATOM   172 N  N4    . C   A 1 8  ? 3.311   -4.174  -5.554  1.00 39.36 ? 51  C   A N4    1 
ATOM   173 C  C5    . C   A 1 8  ? 2.905   -6.463  -5.022  1.00 42.68 ? 51  C   A C5    1 
ATOM   174 C  C6    . C   A 1 8  ? 2.118   -7.535  -5.217  1.00 43.31 ? 51  C   A C6    1 
ATOM   175 P  P     . U   A 1 9  ? 2.705   -11.318 -9.346  1.00 43.72 ? 52  U   A P     1 
ATOM   176 O  OP1   . U   A 1 9  ? 2.721   -12.633 -10.045 1.00 43.25 ? 52  U   A OP1   1 
ATOM   177 O  OP2   . U   A 1 9  ? 3.982   -10.754 -8.818  1.00 42.03 ? 52  U   A OP2   1 
ATOM   178 O  "O5'" . U   A 1 9  ? 2.117   -10.218 -10.339 1.00 43.47 ? 52  U   A "O5'" 1 
ATOM   179 C  "C5'" . U   A 1 9  ? 0.922   -10.447 -11.072 1.00 40.31 ? 52  U   A "C5'" 1 
ATOM   180 C  "C4'" . U   A 1 9  ? 0.556   -9.216  -11.860 1.00 42.57 ? 52  U   A "C4'" 1 
ATOM   181 O  "O4'" . U   A 1 9  ? 0.263   -8.114  -10.946 1.00 39.92 ? 52  U   A "O4'" 1 
ATOM   182 C  "C3'" . U   A 1 9  ? 1.661   -8.648  -12.731 1.00 42.77 ? 52  U   A "C3'" 1 
ATOM   183 O  "O3'" . U   A 1 9  ? 1.836   -9.363  -13.942 1.00 46.34 ? 52  U   A "O3'" 1 
ATOM   184 C  "C2'" . U   A 1 9  ? 1.163   -7.226  -12.936 1.00 42.98 ? 52  U   A "C2'" 1 
ATOM   185 O  "O2'" . U   A 1 9  ? 0.042   -7.143  -13.798 1.00 43.58 ? 52  U   A "O2'" 1 
ATOM   186 C  "C1'" . U   A 1 9  ? 0.716   -6.889  -11.514 1.00 41.04 ? 52  U   A "C1'" 1 
ATOM   187 N  N1    . U   A 1 9  ? 1.826   -6.359  -10.699 1.00 38.82 ? 52  U   A N1    1 
ATOM   188 C  C2    . U   A 1 9  ? 2.138   -5.017  -10.830 1.00 37.16 ? 52  U   A C2    1 
ATOM   189 O  O2    . U   A 1 9  ? 1.548   -4.266  -11.588 1.00 37.64 ? 52  U   A O2    1 
ATOM   190 N  N3    . U   A 1 9  ? 3.170   -4.584  -10.042 1.00 36.81 ? 52  U   A N3    1 
ATOM   191 C  C4    . U   A 1 9  ? 3.911   -5.331  -9.150  1.00 39.21 ? 52  U   A C4    1 
ATOM   192 O  O4    . U   A 1 9  ? 4.797   -4.783  -8.486  1.00 38.01 ? 52  U   A O4    1 
ATOM   193 C  C5    . U   A 1 9  ? 3.538   -6.708  -9.076  1.00 38.64 ? 52  U   A C5    1 
ATOM   194 C  C6    . U   A 1 9  ? 2.534   -7.164  -9.834  1.00 39.27 ? 52  U   A C6    1 
ATOM   195 P  P     . G   A 1 10 ? 3.284   -9.387  -14.643 1.00 50.76 ? 53  G   A P     1 
ATOM   196 O  OP1   . G   A 1 10 ? 3.230   -10.358 -15.763 1.00 51.92 ? 53  G   A OP1   1 
ATOM   197 O  OP2   . G   A 1 10 ? 4.342   -9.519  -13.604 1.00 50.66 ? 53  G   A OP2   1 
ATOM   198 O  "O5'" . G   A 1 10 ? 3.440   -7.929  -15.256 1.00 49.19 ? 53  G   A "O5'" 1 
ATOM   199 C  "C5'" . G   A 1 10 ? 2.511   -7.443  -16.209 1.00 46.80 ? 53  G   A "C5'" 1 
ATOM   200 C  "C4'" . G   A 1 10 ? 2.743   -5.974  -16.451 1.00 44.69 ? 53  G   A "C4'" 1 
ATOM   201 O  "O4'" . G   A 1 10 ? 2.600   -5.264  -15.198 1.00 42.26 ? 53  G   A "O4'" 1 
ATOM   202 C  "C3'" . G   A 1 10 ? 4.135   -5.583  -16.914 1.00 44.08 ? 53  G   A "C3'" 1 
ATOM   203 O  "O3'" . G   A 1 10 ? 4.414   -5.857  -18.294 1.00 45.92 ? 53  G   A "O3'" 1 
ATOM   204 C  "C2'" . G   A 1 10 ? 4.178   -4.106  -16.551 1.00 43.61 ? 53  G   A "C2'" 1 
ATOM   205 O  "O2'" . G   A 1 10 ? 3.504   -3.277  -17.484 1.00 44.66 ? 53  G   A "O2'" 1 
ATOM   206 C  "C1'" . G   A 1 10 ? 3.419   -4.109  -15.222 1.00 42.74 ? 53  G   A "C1'" 1 
ATOM   207 N  N9    . G   A 1 10 ? 4.305   -4.127  -14.064 1.00 43.12 ? 53  G   A N9    1 
ATOM   208 C  C8    . G   A 1 10 ? 4.533   -5.156  -13.176 1.00 42.89 ? 53  G   A C8    1 
ATOM   209 N  N7    . G   A 1 10 ? 5.383   -4.840  -12.234 1.00 40.95 ? 53  G   A N7    1 
ATOM   210 C  C5    . G   A 1 10 ? 5.738   -3.529  -12.521 1.00 42.34 ? 53  G   A C5    1 
ATOM   211 C  C6    . G   A 1 10 ? 6.614   -2.652  -11.852 1.00 43.47 ? 53  G   A C6    1 
ATOM   212 O  O6    . G   A 1 10 ? 7.276   -2.857  -10.829 1.00 46.30 ? 53  G   A O6    1 
ATOM   213 N  N1    . G   A 1 10 ? 6.682   -1.418  -12.487 1.00 44.87 ? 53  G   A N1    1 
ATOM   214 C  C2    . G   A 1 10 ? 5.990   -1.068  -13.622 1.00 42.78 ? 53  G   A C2    1 
ATOM   215 N  N2    . G   A 1 10 ? 6.194   0.173   -14.095 1.00 41.50 ? 53  G   A N2    1 
ATOM   216 N  N3    . G   A 1 10 ? 5.165   -1.872  -14.248 1.00 42.21 ? 53  G   A N3    1 
ATOM   217 C  C4    . G   A 1 10 ? 5.086   -3.078  -13.649 1.00 43.21 ? 53  G   A C4    1 
ATOM   218 O  "O5'" . C   B 2 1  ? 14.093  2.979   -4.694  1.00 58.78 ? -6  C   B "O5'" 1 
ATOM   219 C  "C5'" . C   B 2 1  ? 14.638  4.164   -5.291  1.00 57.28 ? -6  C   B "C5'" 1 
ATOM   220 C  "C4'" . C   B 2 1  ? 14.312  4.298   -6.763  1.00 56.48 ? -6  C   B "C4'" 1 
ATOM   221 O  "O4'" . C   B 2 1  ? 14.786  3.125   -7.479  1.00 53.97 ? -6  C   B "O4'" 1 
ATOM   222 C  "C3'" . C   B 2 1  ? 12.834  4.347   -7.120  1.00 55.81 ? -6  C   B "C3'" 1 
ATOM   223 O  "O3'" . C   B 2 1  ? 12.289  5.645   -6.949  1.00 55.85 ? -6  C   B "O3'" 1 
ATOM   224 C  "C2'" . C   B 2 1  ? 12.856  3.953   -8.588  1.00 55.49 ? -6  C   B "C2'" 1 
ATOM   225 O  "O2'" . C   B 2 1  ? 13.245  5.016   -9.437  1.00 56.04 ? -6  C   B "O2'" 1 
ATOM   226 C  "C1'" . C   B 2 1  ? 13.928  2.864   -8.581  1.00 53.88 ? -6  C   B "C1'" 1 
ATOM   227 N  N1    . C   B 2 1  ? 13.349  1.518   -8.429  1.00 52.35 ? -6  C   B N1    1 
ATOM   228 C  C2    . C   B 2 1  ? 12.954  0.829   -9.580  1.00 51.70 ? -6  C   B C2    1 
ATOM   229 O  O2    . C   B 2 1  ? 13.102  1.376   -10.688 1.00 49.35 ? -6  C   B O2    1 
ATOM   230 N  N3    . C   B 2 1  ? 12.424  -0.410  -9.461  1.00 51.41 ? -6  C   B N3    1 
ATOM   231 C  C4    . C   B 2 1  ? 12.282  -0.964  -8.255  1.00 51.79 ? -6  C   B C4    1 
ATOM   232 N  N4    . C   B 2 1  ? 11.755  -2.192  -8.188  1.00 50.51 ? -6  C   B N4    1 
ATOM   233 C  C5    . C   B 2 1  ? 12.671  -0.284  -7.064  1.00 51.88 ? -6  C   B C5    1 
ATOM   234 C  C6    . C   B 2 1  ? 13.194  0.944   -7.196  1.00 52.07 ? -6  C   B C6    1 
ATOM   235 P  P     . C   B 2 2  ? 10.699  5.824   -6.841  1.00 55.67 ? -5  C   B P     1 
ATOM   236 O  OP1   . C   B 2 2  ? 10.427  7.234   -6.448  1.00 54.85 ? -5  C   B OP1   1 
ATOM   237 O  OP2   . C   B 2 2  ? 10.166  4.711   -6.012  1.00 54.04 ? -5  C   B OP2   1 
ATOM   238 O  "O5'" . C   B 2 2  ? 10.194  5.583   -8.332  1.00 55.56 ? -5  C   B "O5'" 1 
ATOM   239 C  "C5'" . C   B 2 2  ? 10.462  6.531   -9.363  1.00 55.47 ? -5  C   B "C5'" 1 
ATOM   240 C  "C4'" . C   B 2 2  ? 9.747   6.138   -10.638 1.00 54.49 ? -5  C   B "C4'" 1 
ATOM   241 O  "O4'" . C   B 2 2  ? 10.275  4.866   -11.111 1.00 53.00 ? -5  C   B "O4'" 1 
ATOM   242 C  "C3'" . C   B 2 2  ? 8.252   5.877   -10.521 1.00 54.12 ? -5  C   B "C3'" 1 
ATOM   243 O  "O3'" . C   B 2 2  ? 7.475   7.068   -10.534 1.00 55.46 ? -5  C   B "O3'" 1 
ATOM   244 C  "C2'" . C   B 2 2  ? 7.998   5.024   -11.753 1.00 53.28 ? -5  C   B "C2'" 1 
ATOM   245 O  "O2'" . C   B 2 2  ? 7.995   5.801   -12.937 1.00 52.25 ? -5  C   B "O2'" 1 
ATOM   246 C  "C1'" . C   B 2 2  ? 9.233   4.119   -11.732 1.00 50.87 ? -5  C   B "C1'" 1 
ATOM   247 N  N1    . C   B 2 2  ? 9.030   2.863   -10.975 1.00 47.29 ? -5  C   B N1    1 
ATOM   248 C  C2    . C   B 2 2  ? 8.353   1.793   -11.588 1.00 45.70 ? -5  C   B C2    1 
ATOM   249 O  O2    . C   B 2 2  ? 7.926   1.924   -12.745 1.00 43.21 ? -5  C   B O2    1 
ATOM   250 N  N3    . C   B 2 2  ? 8.184   0.642   -10.901 1.00 44.10 ? -5  C   B N3    1 
ATOM   251 C  C4    . C   B 2 2  ? 8.645   0.535   -9.651  1.00 43.49 ? -5  C   B C4    1 
ATOM   252 N  N4    . C   B 2 2  ? 8.453   -0.622  -9.006  1.00 40.11 ? -5  C   B N4    1 
ATOM   253 C  C5    . C   B 2 2  ? 9.322   1.603   -9.006  1.00 44.15 ? -5  C   B C5    1 
ATOM   254 C  C6    . C   B 2 2  ? 9.494   2.734   -9.696  1.00 46.94 ? -5  C   B C6    1 
ATOM   255 P  P     . A   B 2 3  ? 6.179   7.179   -9.585  1.00 57.52 ? -4  A   B P     1 
ATOM   256 O  OP1   . A   B 2 3  ? 5.715   8.590   -9.627  1.00 57.18 ? -4  A   B OP1   1 
ATOM   257 O  OP2   . A   B 2 3  ? 6.495   6.547   -8.270  1.00 56.14 ? -4  A   B OP2   1 
ATOM   258 O  "O5'" . A   B 2 3  ? 5.089   6.246   -10.284 1.00 54.22 ? -4  A   B "O5'" 1 
ATOM   259 C  "C5'" . A   B 2 3  ? 4.513   6.609   -11.532 1.00 48.27 ? -4  A   B "C5'" 1 
ATOM   260 C  "C4'" . A   B 2 3  ? 3.757   5.443   -12.133 1.00 43.61 ? -4  A   B "C4'" 1 
ATOM   261 O  "O4'" . A   B 2 3  ? 4.649   4.299   -12.240 1.00 40.19 ? -4  A   B "O4'" 1 
ATOM   262 C  "C3'" . A   B 2 3  ? 2.599   4.869   -11.335 1.00 41.86 ? -4  A   B "C3'" 1 
ATOM   263 O  "O3'" . A   B 2 3  ? 1.418   5.668   -11.388 1.00 40.92 ? -4  A   B "O3'" 1 
ATOM   264 C  "C2'" . A   B 2 3  ? 2.429   3.509   -12.002 1.00 40.32 ? -4  A   B "C2'" 1 
ATOM   265 O  "O2'" . A   B 2 3  ? 1.812   3.541   -13.279 1.00 39.00 ? -4  A   B "O2'" 1 
ATOM   266 C  "C1'" . A   B 2 3  ? 3.887   3.101   -12.192 1.00 39.75 ? -4  A   B "C1'" 1 
ATOM   267 N  N9    . A   B 2 3  ? 4.371   2.249   -11.102 1.00 36.32 ? -4  A   B N9    1 
ATOM   268 C  C8    . A   B 2 3  ? 5.150   2.569   -10.020 1.00 36.31 ? -4  A   B C8    1 
ATOM   269 N  N7    . A   B 2 3  ? 5.387   1.554   -9.223  1.00 36.02 ? -4  A   B N7    1 
ATOM   270 C  C5    . A   B 2 3  ? 4.723   0.496   -9.825  1.00 36.91 ? -4  A   B C5    1 
ATOM   271 C  C6    . A   B 2 3  ? 4.587   -0.859  -9.479  1.00 36.58 ? -4  A   B C6    1 
ATOM   272 N  N6    . A   B 2 3  ? 5.143   -1.411  -8.408  1.00 35.13 ? -4  A   B N6    1 
ATOM   273 N  N1    . A   B 2 3  ? 3.850   -1.639  -10.289 1.00 38.85 ? -4  A   B N1    1 
ATOM   274 C  C2    . A   B 2 3  ? 3.298   -1.093  -11.375 1.00 36.83 ? -4  A   B C2    1 
ATOM   275 N  N3    . A   B 2 3  ? 3.354   0.157   -11.808 1.00 35.27 ? -4  A   B N3    1 
ATOM   276 C  C4    . A   B 2 3  ? 4.091   0.911   -10.980 1.00 36.40 ? -4  A   B C4    1 
ATOM   277 P  P     . G   B 2 4  ? 0.336   5.555   -10.199 1.00 43.11 ? -3  G   B P     1 
ATOM   278 O  OP1   . G   B 2 4  ? -0.591  6.708   -10.268 1.00 43.26 ? -3  G   B OP1   1 
ATOM   279 O  OP2   . G   B 2 4  ? 1.077   5.291   -8.934  1.00 42.37 ? -3  G   B OP2   1 
ATOM   280 O  "O5'" . G   B 2 4  ? -0.484  4.245   -10.572 1.00 40.50 ? -3  G   B "O5'" 1 
ATOM   281 C  "C5'" . G   B 2 4  ? -1.017  4.086   -11.877 1.00 40.10 ? -3  G   B "C5'" 1 
ATOM   282 C  "C4'" . G   B 2 4  ? -1.525  2.686   -12.064 1.00 39.75 ? -3  G   B "C4'" 1 
ATOM   283 O  "O4'" . G   B 2 4  ? -0.417  1.746   -12.034 1.00 40.07 ? -3  G   B "O4'" 1 
ATOM   284 C  "C3'" . G   B 2 4  ? -2.449  2.195   -10.967 1.00 41.66 ? -3  G   B "C3'" 1 
ATOM   285 O  "O3'" . G   B 2 4  ? -3.772  2.688   -11.140 1.00 40.93 ? -3  G   B "O3'" 1 
ATOM   286 C  "C2'" . G   B 2 4  ? -2.325  0.680   -11.111 1.00 40.57 ? -3  G   B "C2'" 1 
ATOM   287 O  "O2'" . G   B 2 4  ? -3.063  0.167   -12.203 1.00 40.70 ? -3  G   B "O2'" 1 
ATOM   288 C  "C1'" . G   B 2 4  ? -0.832  0.536   -11.410 1.00 39.22 ? -3  G   B "C1'" 1 
ATOM   289 N  N9    . G   B 2 4  ? 0.002   0.305   -10.229 1.00 38.90 ? -3  G   B N9    1 
ATOM   290 C  C8    . G   B 2 4  ? 0.816   1.214   -9.586  1.00 38.69 ? -3  G   B C8    1 
ATOM   291 N  N7    . G   B 2 4  ? 1.492   0.690   -8.599  1.00 37.71 ? -3  G   B N7    1 
ATOM   292 C  C5    . G   B 2 4  ? 1.092   -0.639  -8.575  1.00 37.30 ? -3  G   B C5    1 
ATOM   293 C  C6    . G   B 2 4  ? 1.496   -1.708  -7.729  1.00 36.62 ? -3  G   B C6    1 
ATOM   294 O  O6    . G   B 2 4  ? 2.325   -1.697  -6.809  1.00 37.39 ? -3  G   B O6    1 
ATOM   295 N  N1    . G   B 2 4  ? 0.830   -2.890  -8.043  1.00 35.08 ? -3  G   B N1    1 
ATOM   296 C  C2    . G   B 2 4  ? -0.097  -3.033  -9.044  1.00 34.00 ? -3  G   B C2    1 
ATOM   297 N  N2    . G   B 2 4  ? -0.628  -4.257  -9.190  1.00 28.96 ? -3  G   B N2    1 
ATOM   298 N  N3    . G   B 2 4  ? -0.477  -2.049  -9.844  1.00 35.11 ? -3  G   B N3    1 
ATOM   299 C  C4    . G   B 2 4  ? 0.155   -0.889  -9.558  1.00 37.34 ? -3  G   B C4    1 
ATOM   300 P  P     . U   B 2 5  ? -4.852  2.469   -9.975  1.00 42.54 ? -2  U   B P     1 
ATOM   301 O  OP1   . U   B 2 5  ? -6.162  3.025   -10.387 1.00 43.86 ? -2  U   B OP1   1 
ATOM   302 O  OP2   . U   B 2 5  ? -4.248  2.896   -8.689  1.00 39.75 ? -2  U   B OP2   1 
ATOM   303 O  "O5'" . U   B 2 5  ? -5.017  0.892   -9.964  1.00 41.53 ? -2  U   B "O5'" 1 
ATOM   304 C  "C5'" . U   B 2 5  ? -5.913  0.282   -9.066  1.00 45.24 ? -2  U   B "C5'" 1 
ATOM   305 C  "C4'" . U   B 2 5  ? -5.570  -1.169  -8.900  1.00 43.72 ? -2  U   B "C4'" 1 
ATOM   306 O  "O4'" . U   B 2 5  ? -4.146  -1.373  -9.071  1.00 41.90 ? -2  U   B "O4'" 1 
ATOM   307 C  "C3'" . U   B 2 5  ? -5.879  -1.648  -7.502  1.00 43.47 ? -2  U   B "C3'" 1 
ATOM   308 O  "O3'" . U   B 2 5  ? -7.239  -2.021  -7.416  1.00 47.42 ? -2  U   B "O3'" 1 
ATOM   309 C  "C2'" . U   B 2 5  ? -4.884  -2.784  -7.308  1.00 42.47 ? -2  U   B "C2'" 1 
ATOM   310 O  "O2'" . U   B 2 5  ? -5.287  -4.015  -7.881  1.00 42.58 ? -2  U   B "O2'" 1 
ATOM   311 C  "C1'" . U   B 2 5  ? -3.663  -2.236  -8.055  1.00 38.98 ? -2  U   B "C1'" 1 
ATOM   312 N  N1    . U   B 2 5  ? -2.696  -1.492  -7.226  1.00 34.69 ? -2  U   B N1    1 
ATOM   313 C  C2    . U   B 2 5  ? -1.918  -2.209  -6.334  1.00 32.06 ? -2  U   B C2    1 
ATOM   314 O  O2    . U   B 2 5  ? -2.021  -3.411  -6.189  1.00 32.77 ? -2  U   B O2    1 
ATOM   315 N  N3    . U   B 2 5  ? -1.011  -1.467  -5.626  1.00 28.95 ? -2  U   B N3    1 
ATOM   316 C  C4    . U   B 2 5  ? -0.807  -0.113  -5.712  1.00 30.87 ? -2  U   B C4    1 
ATOM   317 O  O4    . U   B 2 5  ? 0.051   0.417   -5.004  1.00 31.58 ? -2  U   B O4    1 
ATOM   318 C  C5    . U   B 2 5  ? -1.651  0.561   -6.643  1.00 30.70 ? -2  U   B C5    1 
ATOM   319 C  C6    . U   B 2 5  ? -2.546  -0.131  -7.345  1.00 31.89 ? -2  U   B C6    1 
ATOM   320 P  P     . C   B 2 6  ? -8.067  -1.679  -6.088  1.00 51.59 ? -1  C   B P     1 
ATOM   321 O  OP1   . C   B 2 6  ? -9.494  -1.990  -6.369  1.00 52.45 ? -1  C   B OP1   1 
ATOM   322 O  OP2   . C   B 2 6  ? -7.678  -0.304  -5.673  1.00 51.88 ? -1  C   B OP2   1 
ATOM   323 O  "O5'" . C   B 2 6  ? -7.508  -2.736  -5.030  1.00 51.58 ? -1  C   B "O5'" 1 
ATOM   324 C  "C5'" . C   B 2 6  ? -7.310  -4.090  -5.422  1.00 51.30 ? -1  C   B "C5'" 1 
ATOM   325 C  "C4'" . C   B 2 6  ? -6.860  -4.948  -4.260  1.00 54.07 ? -1  C   B "C4'" 1 
ATOM   326 O  "O4'" . C   B 2 6  ? -5.461  -4.667  -3.946  1.00 52.72 ? -1  C   B "O4'" 1 
ATOM   327 C  "C3'" . C   B 2 6  ? -7.640  -4.631  -2.986  1.00 55.88 ? -1  C   B "C3'" 1 
ATOM   328 O  "O3'" . C   B 2 6  ? -8.409  -5.679  -2.400  1.00 57.68 ? -1  C   B "O3'" 1 
ATOM   329 C  "C2'" . C   B 2 6  ? -6.744  -3.742  -2.122  1.00 55.42 ? -1  C   B "C2'" 1 
ATOM   330 O  "O2'" . C   B 2 6  ? -6.683  -4.167  -0.783  1.00 60.48 ? -1  C   B "O2'" 1 
ATOM   331 C  "C1'" . C   B 2 6  ? -5.356  -4.083  -2.660  1.00 51.08 ? -1  C   B "C1'" 1 
ATOM   332 N  N1    . C   B 2 6  ? -4.323  -3.024  -2.624  1.00 45.40 ? -1  C   B N1    1 
ATOM   333 C  C2    . C   B 2 6  ? -3.159  -3.239  -1.835  1.00 43.28 ? -1  C   B C2    1 
ATOM   334 O  O2    . C   B 2 6  ? -3.019  -4.325  -1.235  1.00 37.32 ? -1  C   B O2    1 
ATOM   335 N  N3    . C   B 2 6  ? -2.220  -2.256  -1.758  1.00 38.62 ? -1  C   B N3    1 
ATOM   336 C  C4    . C   B 2 6  ? -2.393  -1.112  -2.434  1.00 37.78 ? -1  C   B C4    1 
ATOM   337 N  N4    . C   B 2 6  ? -1.437  -0.179  -2.348  1.00 33.21 ? -1  C   B N4    1 
ATOM   338 C  C5    . C   B 2 6  ? -3.552  -0.874  -3.238  1.00 37.94 ? -1  C   B C5    1 
ATOM   339 C  C6    . C   B 2 6  ? -4.481  -1.848  -3.306  1.00 43.44 ? -1  C   B C6    1 
ATOM   340 P  P     . G   B 2 7  ? -7.897  -3.865  0.221   1.00 65.60 ? 1   G   B P     1 
ATOM   341 O  OP1   . G   B 2 7  ? -7.928  -2.395  0.471   1.00 62.52 ? 1   G   B OP1   1 
ATOM   342 O  OP2   . G   B 2 7  ? -9.122  -4.549  -0.275  1.00 65.86 ? 1   G   B OP2   1 
ATOM   343 O  "O5'" . G   B 2 7  ? -7.412  -4.610  1.545   1.00 60.11 ? 1   G   B "O5'" 1 
ATOM   344 C  "C5'" . G   B 2 7  ? -6.920  -3.873  2.646   1.00 54.64 ? 1   G   B "C5'" 1 
ATOM   345 C  "C4'" . G   B 2 7  ? -5.459  -4.181  2.905   1.00 49.86 ? 1   G   B "C4'" 1 
ATOM   346 O  "O4'" . G   B 2 7  ? -4.646  -3.965  1.721   1.00 47.93 ? 1   G   B "O4'" 1 
ATOM   347 C  "C3'" . G   B 2 7  ? -4.904  -3.249  3.963   1.00 45.84 ? 1   G   B "C3'" 1 
ATOM   348 O  "O3'" . G   B 2 7  ? -5.079  -3.888  5.211   1.00 43.82 ? 1   G   B "O3'" 1 
ATOM   349 C  "C2'" . G   B 2 7  ? -3.435  -3.112  3.581   1.00 45.12 ? 1   G   B "C2'" 1 
ATOM   350 O  "O2'" . G   B 2 7  ? -2.633  -4.157  4.088   1.00 44.66 ? 1   G   B "O2'" 1 
ATOM   351 C  "C1'" . G   B 2 7  ? -3.508  -3.180  2.052   1.00 42.79 ? 1   G   B "C1'" 1 
ATOM   352 N  N9    . G   B 2 7  ? -3.651  -1.891  1.374   1.00 41.74 ? 1   G   B N9    1 
ATOM   353 C  C8    . G   B 2 7  ? -4.738  -1.482  0.633   1.00 40.14 ? 1   G   B C8    1 
ATOM   354 N  N7    . G   B 2 7  ? -4.582  -0.304  0.096   1.00 39.28 ? 1   G   B N7    1 
ATOM   355 C  C5    . G   B 2 7  ? -3.318  0.100   0.507   1.00 37.26 ? 1   G   B C5    1 
ATOM   356 C  C6    . G   B 2 7  ? -2.597  1.297   0.224   1.00 36.89 ? 1   G   B C6    1 
ATOM   357 O  O6    . G   B 2 7  ? -2.936  2.256   -0.489  1.00 36.00 ? 1   G   B O6    1 
ATOM   358 N  N1    . G   B 2 7  ? -1.358  1.309   0.861   1.00 34.98 ? 1   G   B N1    1 
ATOM   359 C  C2    . G   B 2 7  ? -0.869  0.301   1.651   1.00 34.07 ? 1   G   B C2    1 
ATOM   360 N  N2    . G   B 2 7  ? 0.353   0.509   2.180   1.00 37.50 ? 1   G   B N2    1 
ATOM   361 N  N3    . G   B 2 7  ? -1.523  -0.827  1.910   1.00 36.15 ? 1   G   B N3    1 
ATOM   362 C  C4    . G   B 2 7  ? -2.732  -0.858  1.312   1.00 38.11 ? 1   G   B C4    1 
ATOM   363 P  P     . G   B 2 8  ? -5.767  -3.108  6.436   1.00 42.02 ? 2   G   B P     1 
ATOM   364 O  OP1   . G   B 2 8  ? -7.158  -3.608  6.542   1.00 40.87 ? 2   G   B OP1   1 
ATOM   365 O  OP2   . G   B 2 8  ? -5.520  -1.644  6.344   1.00 37.22 ? 2   G   B OP2   1 
ATOM   366 O  "O5'" . G   B 2 8  ? -4.934  -3.690  7.657   1.00 42.12 ? 2   G   B "O5'" 1 
ATOM   367 C  "C5'" . G   B 2 8  ? -4.707  -5.095  7.757   1.00 41.04 ? 2   G   B "C5'" 1 
ATOM   368 C  "C4'" . G   B 2 8  ? -3.536  -5.378  8.661   1.00 40.46 ? 2   G   B "C4'" 1 
ATOM   369 O  "O4'" . G   B 2 8  ? -2.281  -5.135  7.973   1.00 37.01 ? 2   G   B "O4'" 1 
ATOM   370 C  "C3'" . G   B 2 8  ? -3.442  -4.501  9.892   1.00 39.61 ? 2   G   B "C3'" 1 
ATOM   371 O  "O3'" . G   B 2 8  ? -4.373  -4.908  10.885  1.00 40.98 ? 2   G   B "O3'" 1 
ATOM   372 C  "C2'" . G   B 2 8  ? -1.984  -4.705  10.281  1.00 39.79 ? 2   G   B "C2'" 1 
ATOM   373 O  "O2'" . G   B 2 8  ? -1.765  -5.967  10.878  1.00 40.18 ? 2   G   B "O2'" 1 
ATOM   374 C  "C1'" . G   B 2 8  ? -1.308  -4.696  8.906   1.00 35.59 ? 2   G   B "C1'" 1 
ATOM   375 N  N9    . G   B 2 8  ? -0.815  -3.386  8.485   1.00 34.16 ? 2   G   B N9    1 
ATOM   376 C  C8    . G   B 2 8  ? -1.402  -2.525  7.587   1.00 34.68 ? 2   G   B C8    1 
ATOM   377 N  N7    . G   B 2 8  ? -0.699  -1.445  7.372   1.00 32.06 ? 2   G   B N7    1 
ATOM   378 C  C5    . G   B 2 8  ? 0.417   -1.591  8.186   1.00 34.34 ? 2   G   B C5    1 
ATOM   379 C  C6    . G   B 2 8  ? 1.547   -0.742  8.366   1.00 34.66 ? 2   G   B C6    1 
ATOM   380 O  O6    . G   B 2 8  ? 1.799   0.336   7.820   1.00 33.72 ? 2   G   B O6    1 
ATOM   381 N  N1    . G   B 2 8  ? 2.439   -1.270  9.287   1.00 35.10 ? 2   G   B N1    1 
ATOM   382 C  C2    . G   B 2 8  ? 2.283   -2.462  9.945   1.00 35.05 ? 2   G   B C2    1 
ATOM   383 N  N2    . G   B 2 8  ? 3.268   -2.789  10.798  1.00 34.18 ? 2   G   B N2    1 
ATOM   384 N  N3    . G   B 2 8  ? 1.246   -3.271  9.783   1.00 34.83 ? 2   G   B N3    1 
ATOM   385 C  C4    . G   B 2 8  ? 0.355   -2.776  8.894   1.00 34.61 ? 2   G   B C4    1 
ATOM   386 P  P     . A   B 2 9  ? -5.094  -3.803  11.807  1.00 41.81 ? 3   A   B P     1 
ATOM   387 O  OP1   . A   B 2 9  ? -6.097  -4.494  12.645  1.00 43.62 ? 3   A   B OP1   1 
ATOM   388 O  OP2   . A   B 2 9  ? -5.524  -2.667  10.955  1.00 44.09 ? 3   A   B OP2   1 
ATOM   389 O  "O5'" . A   B 2 9  ? -3.921  -3.279  12.742  1.00 42.08 ? 3   A   B "O5'" 1 
ATOM   390 C  "C5'" . A   B 2 9  ? -3.234  -4.167  13.616  1.00 41.01 ? 3   A   B "C5'" 1 
ATOM   391 C  "C4'" . A   B 2 9  ? -1.972  -3.519  14.125  1.00 40.58 ? 3   A   B "C4'" 1 
ATOM   392 O  "O4'" . A   B 2 9  ? -1.065  -3.289  13.012  1.00 40.31 ? 3   A   B "O4'" 1 
ATOM   393 C  "C3'" . A   B 2 9  ? -2.131  -2.141  14.745  1.00 40.06 ? 3   A   B "C3'" 1 
ATOM   394 O  "O3'" . A   B 2 9  ? -2.561  -2.224  16.103  1.00 41.41 ? 3   A   B "O3'" 1 
ATOM   395 C  "C2'" . A   B 2 9  ? -0.713  -1.598  14.635  1.00 40.22 ? 3   A   B "C2'" 1 
ATOM   396 O  "O2'" . A   B 2 9  ? 0.144   -2.137  15.615  1.00 34.96 ? 3   A   B "O2'" 1 
ATOM   397 C  "C1'" . A   B 2 9  ? -0.292  -2.125  13.261  1.00 39.95 ? 3   A   B "C1'" 1 
ATOM   398 N  N9    . A   B 2 9  ? -0.538  -1.159  12.188  1.00 39.39 ? 3   A   B N9    1 
ATOM   399 C  C8    . A   B 2 9  ? -1.629  -1.083  11.354  1.00 41.17 ? 3   A   B C8    1 
ATOM   400 N  N7    . A   B 2 9  ? -1.581  -0.082  10.506  1.00 38.92 ? 3   A   B N7    1 
ATOM   401 C  C5    . A   B 2 9  ? -0.376  0.540   10.793  1.00 38.80 ? 3   A   B C5    1 
ATOM   402 C  C6    . A   B 2 9  ? 0.261   1.666   10.239  1.00 38.69 ? 3   A   B C6    1 
ATOM   403 N  N6    . A   B 2 9  ? -0.251  2.389   9.243   1.00 39.89 ? 3   A   B N6    1 
ATOM   404 N  N1    . A   B 2 9  ? 1.458   2.025   10.751  1.00 38.36 ? 3   A   B N1    1 
ATOM   405 C  C2    . A   B 2 9  ? 1.969   1.295   11.751  1.00 38.88 ? 3   A   B C2    1 
ATOM   406 N  N3    . A   B 2 9  ? 1.468   0.217   12.357  1.00 39.44 ? 3   A   B N3    1 
ATOM   407 C  C4    . A   B 2 9  ? 0.280   -0.115  11.825  1.00 39.40 ? 3   A   B C4    1 
ATOM   408 P  P     . A   B 2 10 ? -3.611  -1.145  16.686  1.00 40.53 ? 4   A   B P     1 
ATOM   409 O  OP1   . A   B 2 10 ? -3.779  -1.440  18.130  1.00 44.43 ? 4   A   B OP1   1 
ATOM   410 O  OP2   . A   B 2 10 ? -4.804  -1.119  15.801  1.00 41.71 ? 4   A   B OP2   1 
ATOM   411 O  "O5'" . A   B 2 10 ? -2.872  0.262   16.541  1.00 40.56 ? 4   A   B "O5'" 1 
ATOM   412 C  "C5'" . A   B 2 10 ? -1.712  0.573   17.316  1.00 41.89 ? 4   A   B "C5'" 1 
ATOM   413 C  "C4'" . A   B 2 10 ? -1.091  1.867   16.834  1.00 43.40 ? 4   A   B "C4'" 1 
ATOM   414 O  "O4'" . A   B 2 10 ? -0.674  1.703   15.454  1.00 43.08 ? 4   A   B "O4'" 1 
ATOM   415 C  "C3'" . A   B 2 10 ? -2.011  3.083   16.824  1.00 45.83 ? 4   A   B "C3'" 1 
ATOM   416 O  "O3'" . A   B 2 10 ? -1.980  3.744   18.088  1.00 50.38 ? 4   A   B "O3'" 1 
ATOM   417 C  "C2'" . A   B 2 10 ? -1.399  3.948   15.730  1.00 43.95 ? 4   A   B "C2'" 1 
ATOM   418 O  "O2'" . A   B 2 10 ? -0.284  4.692   16.173  1.00 47.76 ? 4   A   B "O2'" 1 
ATOM   419 C  "C1'" . A   B 2 10 ? -0.934  2.892   14.729  1.00 41.87 ? 4   A   B "C1'" 1 
ATOM   420 N  N9    . A   B 2 10 ? -1.922  2.595   13.690  1.00 41.54 ? 4   A   B N9    1 
ATOM   421 C  C8    . A   B 2 10 ? -2.862  1.587   13.671  1.00 39.79 ? 4   A   B C8    1 
ATOM   422 N  N7    . A   B 2 10 ? -3.596  1.569   12.585  1.00 37.10 ? 4   A   B N7    1 
ATOM   423 C  C5    . A   B 2 10 ? -3.116  2.639   11.842  1.00 39.64 ? 4   A   B C5    1 
ATOM   424 C  C6    . A   B 2 10 ? -3.475  3.151   10.589  1.00 37.91 ? 4   A   B C6    1 
ATOM   425 N  N6    . A   B 2 10 ? -4.440  2.633   9.830   1.00 40.25 ? 4   A   B N6    1 
ATOM   426 N  N1    . A   B 2 10 ? -2.798  4.224   10.132  1.00 37.64 ? 4   A   B N1    1 
ATOM   427 C  C2    . A   B 2 10 ? -1.829  4.742   10.891  1.00 37.19 ? 4   A   B C2    1 
ATOM   428 N  N3    . A   B 2 10 ? -1.399  4.355   12.083  1.00 39.76 ? 4   A   B N3    1 
ATOM   429 C  C4    . A   B 2 10 ? -2.090  3.282   12.510  1.00 39.80 ? 4   A   B C4    1 
ATOM   430 P  P     . C   B 2 11 ? -3.261  4.577   18.602  1.00 55.11 ? 5   C   B P     1 
ATOM   431 O  OP1   . C   B 2 11 ? -2.951  5.011   19.993  1.00 56.31 ? 5   C   B OP1   1 
ATOM   432 O  OP2   . C   B 2 11 ? -4.501  3.791   18.339  1.00 52.84 ? 5   C   B OP2   1 
ATOM   433 O  "O5'" . C   B 2 11 ? -3.293  5.874   17.675  1.00 55.18 ? 5   C   B "O5'" 1 
ATOM   434 C  "C5'" . C   B 2 11 ? -2.295  6.890   17.804  1.00 54.42 ? 5   C   B "C5'" 1 
ATOM   435 C  "C4'" . C   B 2 11 ? -2.337  7.832   16.622  1.00 53.29 ? 5   C   B "C4'" 1 
ATOM   436 O  "O4'" . C   B 2 11 ? -2.204  7.063   15.396  1.00 51.59 ? 5   C   B "O4'" 1 
ATOM   437 C  "C3'" . C   B 2 11 ? -3.627  8.609   16.407  1.00 53.39 ? 5   C   B "C3'" 1 
ATOM   438 O  "O3'" . C   B 2 11 ? -3.793  9.756   17.250  1.00 54.08 ? 5   C   B "O3'" 1 
ATOM   439 C  "C2'" . C   B 2 11 ? -3.518  8.990   14.937  1.00 53.80 ? 5   C   B "C2'" 1 
ATOM   440 O  "O2'" . C   B 2 11 ? -2.636  10.078  14.730  1.00 55.14 ? 5   C   B "O2'" 1 
ATOM   441 C  "C1'" . C   B 2 11 ? -2.893  7.724   14.345  1.00 52.41 ? 5   C   B "C1'" 1 
ATOM   442 N  N1    . C   B 2 11 ? -3.871  6.790   13.740  1.00 50.49 ? 5   C   B N1    1 
ATOM   443 C  C2    . C   B 2 11 ? -4.210  6.954   12.386  1.00 49.53 ? 5   C   B C2    1 
ATOM   444 O  O2    . C   B 2 11 ? -3.672  7.860   11.734  1.00 47.49 ? 5   C   B O2    1 
ATOM   445 N  N3    . C   B 2 11 ? -5.112  6.113   11.822  1.00 49.67 ? 5   C   B N3    1 
ATOM   446 C  C4    . C   B 2 11 ? -5.662  5.136   12.549  1.00 49.88 ? 5   C   B C4    1 
ATOM   447 N  N4    . C   B 2 11 ? -6.547  4.333   11.949  1.00 48.12 ? 5   C   B N4    1 
ATOM   448 C  C5    . C   B 2 11 ? -5.330  4.941   13.924  1.00 49.85 ? 5   C   B C5    1 
ATOM   449 C  C6    . C   B 2 11 ? -4.442  5.784   14.474  1.00 50.81 ? 5   C   B C6    1 
HETATM 450 MG MG    . MG  C 3 .  ? 5.540   -3.485  8.353   1.00 40.59 ? 103 MG  A MG    1 
HETATM 451 MG MG    . MG  D 3 .  ? -4.485  2.676   -5.602  1.00 45.63 ? 108 MG  B MG    1 
HETATM 452 MG MG    . MG  E 3 .  ? -5.946  1.153   15.658  1.00 45.19 ? 109 MG  B MG    1 
HETATM 453 MG MG    . MG  F 3 .  ? -5.935  8.627   15.755  1.00 56.48 ? 104 MG  B MG    1 
HETATM 454 MG MG    . MG  G 3 .  ? -2.502  1.428   7.852   1.00 47.95 ? 140 MG  B MG    1 
HETATM 455 O  O     . HOH H 4 .  ? -8.312  2.702   8.396   1.00 35.30 ? 110 HOH A O     1 
HETATM 456 O  O     . HOH H 4 .  ? -1.675  -11.080 -3.082  1.00 39.94 ? 118 HOH A O     1 
HETATM 457 O  O     . HOH H 4 .  ? 6.474   -6.838  -10.611 1.00 42.72 ? 122 HOH A O     1 
HETATM 458 O  O     . HOH H 4 .  ? 5.475   4.817   7.176   1.00 44.79 ? 127 HOH A O     1 
HETATM 459 O  O     . HOH I 4 .  ? 3.696   2.234   7.259   1.00 40.92 ? 101 HOH B O     1 
HETATM 460 O  O     . HOH I 4 .  ? 1.918   -0.264  16.378  1.00 35.50 ? 102 HOH B O     1 
HETATM 461 O  O     . HOH I 4 .  ? -5.817  -0.436  11.710  1.00 45.12 ? 105 HOH B O     1 
HETATM 462 O  O     . HOH I 4 .  ? -3.458  -0.052  5.755   1.00 40.25 ? 112 HOH B O     1 
HETATM 463 O  O     . HOH I 4 .  ? -1.808  -2.319  -12.003 1.00 38.06 ? 130 HOH B O     1 
HETATM 464 O  O     . HOH I 4 .  ? -3.438  -6.831  4.530   1.00 47.23 ? 134 HOH B O     1 
HETATM 465 O  O     . HOH I 4 .  ? 9.164   -1.211  -6.246  1.00 42.82 ? 136 HOH B O     1 
HETATM 466 O  O     . HOH I 4 .  ? -2.547  2.165   -3.404  1.00 40.90 ? 137 HOH B O     1 
# 
loop_
_pdbx_poly_seq_scheme.asym_id 
_pdbx_poly_seq_scheme.entity_id 
_pdbx_poly_seq_scheme.seq_id 
_pdbx_poly_seq_scheme.mon_id 
_pdbx_poly_seq_scheme.ndb_seq_num 
_pdbx_poly_seq_scheme.pdb_seq_num 
_pdbx_poly_seq_scheme.auth_seq_num 
_pdbx_poly_seq_scheme.pdb_mon_id 
_pdbx_poly_seq_scheme.auth_mon_id 
_pdbx_poly_seq_scheme.pdb_strand_id 
_pdbx_poly_seq_scheme.pdb_ins_code 
_pdbx_poly_seq_scheme.hetero 
A 1 1  G 1  44 44 G GUA A . n 
A 1 2  G 2  45 45 G GUA A . n 
A 1 3  U 3  46 46 U URI A . n 
A 1 4  G 4  47 47 G GUA A . n 
A 1 5  A 5  48 48 A ADE A . n 
A 1 6  G 6  49 49 G GUA A . n 
A 1 7  G 7  50 50 G GUA A . n 
A 1 8  C 8  51 51 C CYT A . n 
A 1 9  U 9  52 52 U URI A . n 
A 1 10 G 10 53 53 G GUA A . n 
B 2 1  C 1  -6 -6 C CYT B . n 
B 2 2  C 2  -5 -5 C CYT B . n 
B 2 3  A 3  -4 -4 A ADE B . n 
B 2 4  G 4  -3 -3 G GUA B . n 
B 2 5  U 5  -2 -2 U URI B . n 
B 2 6  C 6  -1 -1 C C2Y B . n 
B 2 7  G 7  1  1  G G2U B . n 
B 2 8  G 8  2  2  G GUA B . n 
B 2 9  A 9  3  3  A ADE B . n 
B 2 10 A 10 4  4  A ADE B . n 
B 2 11 C 11 5  5  C CYT B . n 
# 
loop_
_pdbx_nonpoly_scheme.asym_id 
_pdbx_nonpoly_scheme.entity_id 
_pdbx_nonpoly_scheme.mon_id 
_pdbx_nonpoly_scheme.ndb_seq_num 
_pdbx_nonpoly_scheme.pdb_seq_num 
_pdbx_nonpoly_scheme.auth_seq_num 
_pdbx_nonpoly_scheme.pdb_mon_id 
_pdbx_nonpoly_scheme.auth_mon_id 
_pdbx_nonpoly_scheme.pdb_strand_id 
_pdbx_nonpoly_scheme.pdb_ins_code 
C 3 MG  1 103 103 MG  MG  A . 
D 3 MG  1 108 108 MG  MG  B . 
E 3 MG  1 109 109 MG  MG  B . 
F 3 MG  1 104 104 MG  MG  B . 
G 3 MG  1 140 140 MG  MG  B . 
H 4 HOH 1 110 110 HOH HOH A . 
H 4 HOH 2 118 118 HOH HOH A . 
H 4 HOH 3 122 122 HOH HOH A . 
H 4 HOH 4 127 127 HOH HOH A . 
I 4 HOH 1 101 101 HOH HOH B . 
I 4 HOH 2 102 102 HOH HOH B . 
I 4 HOH 3 105 105 HOH HOH B . 
I 4 HOH 4 112 112 HOH HOH B . 
I 4 HOH 5 130 130 HOH HOH B . 
I 4 HOH 6 134 134 HOH HOH B . 
I 4 HOH 7 136 136 HOH HOH B . 
I 4 HOH 8 137 137 HOH HOH B . 
# 
_pdbx_struct_assembly.id                   1 
_pdbx_struct_assembly.details              author_and_software_defined_assembly 
_pdbx_struct_assembly.method_details       PISA 
_pdbx_struct_assembly.oligomeric_details   dimeric 
_pdbx_struct_assembly.oligomeric_count     2 
# 
_pdbx_struct_assembly_gen.assembly_id       1 
_pdbx_struct_assembly_gen.oper_expression   1 
_pdbx_struct_assembly_gen.asym_id_list      A,B,C,D,E,F,G,H,I 
# 
loop_
_pdbx_struct_assembly_prop.biol_id 
_pdbx_struct_assembly_prop.type 
_pdbx_struct_assembly_prop.value 
_pdbx_struct_assembly_prop.details 
1 'ABSA (A^2)' 1620 ? 
1 MORE         -38  ? 
1 'SSA (A^2)'  4030 ? 
# 
_pdbx_struct_oper_list.id                   1 
_pdbx_struct_oper_list.type                 'identity operation' 
_pdbx_struct_oper_list.name                 1_555 
_pdbx_struct_oper_list.symmetry_operation   x,y,z 
_pdbx_struct_oper_list.matrix[1][1]         1.0000000000 
_pdbx_struct_oper_list.matrix[1][2]         0.0000000000 
_pdbx_struct_oper_list.matrix[1][3]         0.0000000000 
_pdbx_struct_oper_list.vector[1]            0.0000000000 
_pdbx_struct_oper_list.matrix[2][1]         0.0000000000 
_pdbx_struct_oper_list.matrix[2][2]         1.0000000000 
_pdbx_struct_oper_list.matrix[2][3]         0.0000000000 
_pdbx_struct_oper_list.vector[2]            0.0000000000 
_pdbx_struct_oper_list.matrix[3][1]         0.0000000000 
_pdbx_struct_oper_list.matrix[3][2]         0.0000000000 
_pdbx_struct_oper_list.matrix[3][3]         1.0000000000 
_pdbx_struct_oper_list.vector[3]            0.0000000000 
# 
loop_
_pdbx_audit_revision_history.ordinal 
_pdbx_audit_revision_history.data_content_type 
_pdbx_audit_revision_history.major_revision 
_pdbx_audit_revision_history.minor_revision 
_pdbx_audit_revision_history.revision_date 
1 'Structure model' 1 0 2009-02-24 
2 'Structure model' 1 1 2011-07-13 
3 'Structure model' 1 2 2023-09-06 
# 
_pdbx_audit_revision_details.ordinal             1 
_pdbx_audit_revision_details.revision_ordinal    1 
_pdbx_audit_revision_details.data_content_type   'Structure model' 
_pdbx_audit_revision_details.provider            repository 
_pdbx_audit_revision_details.type                'Initial release' 
_pdbx_audit_revision_details.description         ? 
_pdbx_audit_revision_details.details             ? 
# 
loop_
_pdbx_audit_revision_group.ordinal 
_pdbx_audit_revision_group.revision_ordinal 
_pdbx_audit_revision_group.data_content_type 
_pdbx_audit_revision_group.group 
1 2 'Structure model' 'Version format compliance' 
2 3 'Structure model' Advisory                    
3 3 'Structure model' 'Data collection'           
4 3 'Structure model' 'Database references'       
5 3 'Structure model' 'Derived calculations'      
6 3 'Structure model' 'Refinement description'    
# 
loop_
_pdbx_audit_revision_category.ordinal 
_pdbx_audit_revision_category.revision_ordinal 
_pdbx_audit_revision_category.data_content_type 
_pdbx_audit_revision_category.category 
1 3 'Structure model' chem_comp_atom                
2 3 'Structure model' chem_comp_bond                
3 3 'Structure model' database_2                    
4 3 'Structure model' pdbx_initial_refinement_model 
5 3 'Structure model' pdbx_validate_polymer_linkage 
6 3 'Structure model' struct_conn                   
7 3 'Structure model' struct_site                   
# 
loop_
_pdbx_audit_revision_item.ordinal 
_pdbx_audit_revision_item.revision_ordinal 
_pdbx_audit_revision_item.data_content_type 
_pdbx_audit_revision_item.item 
1 3 'Structure model' '_database_2.pdbx_DOI'                
2 3 'Structure model' '_database_2.pdbx_database_accession' 
3 3 'Structure model' '_struct_conn.pdbx_leaving_atom_flag' 
4 3 'Structure model' '_struct_site.pdbx_auth_asym_id'      
5 3 'Structure model' '_struct_site.pdbx_auth_comp_id'      
6 3 'Structure model' '_struct_site.pdbx_auth_seq_id'       
# 
loop_
_software.name 
_software.classification 
_software.version 
_software.citation_id 
_software.pdbx_ordinal 
ADSC      'data collection' Quantum ? 1 
EPMR      phasing           .       ? 2 
CNS       refinement        1.1     ? 3 
DENZO     'data reduction'  .       ? 4 
SCALEPACK 'data scaling'    .       ? 5 
# 
_pdbx_validate_rmsd_angle.id                         1 
_pdbx_validate_rmsd_angle.PDB_model_num              1 
_pdbx_validate_rmsd_angle.auth_atom_id_1             N9 
_pdbx_validate_rmsd_angle.auth_asym_id_1             A 
_pdbx_validate_rmsd_angle.auth_comp_id_1             G 
_pdbx_validate_rmsd_angle.auth_seq_id_1              47 
_pdbx_validate_rmsd_angle.PDB_ins_code_1             ? 
_pdbx_validate_rmsd_angle.label_alt_id_1             ? 
_pdbx_validate_rmsd_angle.auth_atom_id_2             "C1'" 
_pdbx_validate_rmsd_angle.auth_asym_id_2             A 
_pdbx_validate_rmsd_angle.auth_comp_id_2             G 
_pdbx_validate_rmsd_angle.auth_seq_id_2              47 
_pdbx_validate_rmsd_angle.PDB_ins_code_2             ? 
_pdbx_validate_rmsd_angle.label_alt_id_2             ? 
_pdbx_validate_rmsd_angle.auth_atom_id_3             "C2'" 
_pdbx_validate_rmsd_angle.auth_asym_id_3             A 
_pdbx_validate_rmsd_angle.auth_comp_id_3             G 
_pdbx_validate_rmsd_angle.auth_seq_id_3              47 
_pdbx_validate_rmsd_angle.PDB_ins_code_3             ? 
_pdbx_validate_rmsd_angle.label_alt_id_3             ? 
_pdbx_validate_rmsd_angle.angle_value                123.11 
_pdbx_validate_rmsd_angle.angle_target_value         114.00 
_pdbx_validate_rmsd_angle.angle_deviation            9.11 
_pdbx_validate_rmsd_angle.angle_standard_deviation   1.30 
_pdbx_validate_rmsd_angle.linker_flag                N 
# 
loop_
_chem_comp_atom.comp_id 
_chem_comp_atom.atom_id 
_chem_comp_atom.type_symbol 
_chem_comp_atom.pdbx_aromatic_flag 
_chem_comp_atom.pdbx_stereo_config 
_chem_comp_atom.pdbx_ordinal 
A   OP3    O  N N 1   
A   P      P  N N 2   
A   OP1    O  N N 3   
A   OP2    O  N N 4   
A   "O5'"  O  N N 5   
A   "C5'"  C  N N 6   
A   "C4'"  C  N R 7   
A   "O4'"  O  N N 8   
A   "C3'"  C  N S 9   
A   "O3'"  O  N N 10  
A   "C2'"  C  N R 11  
A   "O2'"  O  N N 12  
A   "C1'"  C  N R 13  
A   N9     N  Y N 14  
A   C8     C  Y N 15  
A   N7     N  Y N 16  
A   C5     C  Y N 17  
A   C6     C  Y N 18  
A   N6     N  N N 19  
A   N1     N  Y N 20  
A   C2     C  Y N 21  
A   N3     N  Y N 22  
A   C4     C  Y N 23  
A   HOP3   H  N N 24  
A   HOP2   H  N N 25  
A   "H5'"  H  N N 26  
A   "H5''" H  N N 27  
A   "H4'"  H  N N 28  
A   "H3'"  H  N N 29  
A   "HO3'" H  N N 30  
A   "H2'"  H  N N 31  
A   "HO2'" H  N N 32  
A   "H1'"  H  N N 33  
A   H8     H  N N 34  
A   H61    H  N N 35  
A   H62    H  N N 36  
A   H2     H  N N 37  
C   OP3    O  N N 38  
C   P      P  N N 39  
C   OP1    O  N N 40  
C   OP2    O  N N 41  
C   "O5'"  O  N N 42  
C   "C5'"  C  N N 43  
C   "C4'"  C  N R 44  
C   "O4'"  O  N N 45  
C   "C3'"  C  N S 46  
C   "O3'"  O  N N 47  
C   "C2'"  C  N R 48  
C   "O2'"  O  N N 49  
C   "C1'"  C  N R 50  
C   N1     N  N N 51  
C   C2     C  N N 52  
C   O2     O  N N 53  
C   N3     N  N N 54  
C   C4     C  N N 55  
C   N4     N  N N 56  
C   C5     C  N N 57  
C   C6     C  N N 58  
C   HOP3   H  N N 59  
C   HOP2   H  N N 60  
C   "H5'"  H  N N 61  
C   "H5''" H  N N 62  
C   "H4'"  H  N N 63  
C   "H3'"  H  N N 64  
C   "HO3'" H  N N 65  
C   "H2'"  H  N N 66  
C   "HO2'" H  N N 67  
C   "H1'"  H  N N 68  
C   H41    H  N N 69  
C   H42    H  N N 70  
C   H5     H  N N 71  
C   H6     H  N N 72  
G   OP3    O  N N 73  
G   P      P  N N 74  
G   OP1    O  N N 75  
G   OP2    O  N N 76  
G   "O5'"  O  N N 77  
G   "C5'"  C  N N 78  
G   "C4'"  C  N R 79  
G   "O4'"  O  N N 80  
G   "C3'"  C  N S 81  
G   "O3'"  O  N N 82  
G   "C2'"  C  N R 83  
G   "O2'"  O  N N 84  
G   "C1'"  C  N R 85  
G   N9     N  Y N 86  
G   C8     C  Y N 87  
G   N7     N  Y N 88  
G   C5     C  Y N 89  
G   C6     C  N N 90  
G   O6     O  N N 91  
G   N1     N  N N 92  
G   C2     C  N N 93  
G   N2     N  N N 94  
G   N3     N  N N 95  
G   C4     C  Y N 96  
G   HOP3   H  N N 97  
G   HOP2   H  N N 98  
G   "H5'"  H  N N 99  
G   "H5''" H  N N 100 
G   "H4'"  H  N N 101 
G   "H3'"  H  N N 102 
G   "HO3'" H  N N 103 
G   "H2'"  H  N N 104 
G   "HO2'" H  N N 105 
G   "H1'"  H  N N 106 
G   H8     H  N N 107 
G   H1     H  N N 108 
G   H21    H  N N 109 
G   H22    H  N N 110 
HOH O      O  N N 111 
HOH H1     H  N N 112 
HOH H2     H  N N 113 
MG  MG     MG N N 114 
U   OP3    O  N N 115 
U   P      P  N N 116 
U   OP1    O  N N 117 
U   OP2    O  N N 118 
U   "O5'"  O  N N 119 
U   "C5'"  C  N N 120 
U   "C4'"  C  N R 121 
U   "O4'"  O  N N 122 
U   "C3'"  C  N S 123 
U   "O3'"  O  N N 124 
U   "C2'"  C  N R 125 
U   "O2'"  O  N N 126 
U   "C1'"  C  N R 127 
U   N1     N  N N 128 
U   C2     C  N N 129 
U   O2     O  N N 130 
U   N3     N  N N 131 
U   C4     C  N N 132 
U   O4     O  N N 133 
U   C5     C  N N 134 
U   C6     C  N N 135 
U   HOP3   H  N N 136 
U   HOP2   H  N N 137 
U   "H5'"  H  N N 138 
U   "H5''" H  N N 139 
U   "H4'"  H  N N 140 
U   "H3'"  H  N N 141 
U   "HO3'" H  N N 142 
U   "H2'"  H  N N 143 
U   "HO2'" H  N N 144 
U   "H1'"  H  N N 145 
U   H3     H  N N 146 
U   H5     H  N N 147 
U   H6     H  N N 148 
# 
loop_
_chem_comp_bond.comp_id 
_chem_comp_bond.atom_id_1 
_chem_comp_bond.atom_id_2 
_chem_comp_bond.value_order 
_chem_comp_bond.pdbx_aromatic_flag 
_chem_comp_bond.pdbx_stereo_config 
_chem_comp_bond.pdbx_ordinal 
A   OP3   P      sing N N 1   
A   OP3   HOP3   sing N N 2   
A   P     OP1    doub N N 3   
A   P     OP2    sing N N 4   
A   P     "O5'"  sing N N 5   
A   OP2   HOP2   sing N N 6   
A   "O5'" "C5'"  sing N N 7   
A   "C5'" "C4'"  sing N N 8   
A   "C5'" "H5'"  sing N N 9   
A   "C5'" "H5''" sing N N 10  
A   "C4'" "O4'"  sing N N 11  
A   "C4'" "C3'"  sing N N 12  
A   "C4'" "H4'"  sing N N 13  
A   "O4'" "C1'"  sing N N 14  
A   "C3'" "O3'"  sing N N 15  
A   "C3'" "C2'"  sing N N 16  
A   "C3'" "H3'"  sing N N 17  
A   "O3'" "HO3'" sing N N 18  
A   "C2'" "O2'"  sing N N 19  
A   "C2'" "C1'"  sing N N 20  
A   "C2'" "H2'"  sing N N 21  
A   "O2'" "HO2'" sing N N 22  
A   "C1'" N9     sing N N 23  
A   "C1'" "H1'"  sing N N 24  
A   N9    C8     sing Y N 25  
A   N9    C4     sing Y N 26  
A   C8    N7     doub Y N 27  
A   C8    H8     sing N N 28  
A   N7    C5     sing Y N 29  
A   C5    C6     sing Y N 30  
A   C5    C4     doub Y N 31  
A   C6    N6     sing N N 32  
A   C6    N1     doub Y N 33  
A   N6    H61    sing N N 34  
A   N6    H62    sing N N 35  
A   N1    C2     sing Y N 36  
A   C2    N3     doub Y N 37  
A   C2    H2     sing N N 38  
A   N3    C4     sing Y N 39  
C   OP3   P      sing N N 40  
C   OP3   HOP3   sing N N 41  
C   P     OP1    doub N N 42  
C   P     OP2    sing N N 43  
C   P     "O5'"  sing N N 44  
C   OP2   HOP2   sing N N 45  
C   "O5'" "C5'"  sing N N 46  
C   "C5'" "C4'"  sing N N 47  
C   "C5'" "H5'"  sing N N 48  
C   "C5'" "H5''" sing N N 49  
C   "C4'" "O4'"  sing N N 50  
C   "C4'" "C3'"  sing N N 51  
C   "C4'" "H4'"  sing N N 52  
C   "O4'" "C1'"  sing N N 53  
C   "C3'" "O3'"  sing N N 54  
C   "C3'" "C2'"  sing N N 55  
C   "C3'" "H3'"  sing N N 56  
C   "O3'" "HO3'" sing N N 57  
C   "C2'" "O2'"  sing N N 58  
C   "C2'" "C1'"  sing N N 59  
C   "C2'" "H2'"  sing N N 60  
C   "O2'" "HO2'" sing N N 61  
C   "C1'" N1     sing N N 62  
C   "C1'" "H1'"  sing N N 63  
C   N1    C2     sing N N 64  
C   N1    C6     sing N N 65  
C   C2    O2     doub N N 66  
C   C2    N3     sing N N 67  
C   N3    C4     doub N N 68  
C   C4    N4     sing N N 69  
C   C4    C5     sing N N 70  
C   N4    H41    sing N N 71  
C   N4    H42    sing N N 72  
C   C5    C6     doub N N 73  
C   C5    H5     sing N N 74  
C   C6    H6     sing N N 75  
G   OP3   P      sing N N 76  
G   OP3   HOP3   sing N N 77  
G   P     OP1    doub N N 78  
G   P     OP2    sing N N 79  
G   P     "O5'"  sing N N 80  
G   OP2   HOP2   sing N N 81  
G   "O5'" "C5'"  sing N N 82  
G   "C5'" "C4'"  sing N N 83  
G   "C5'" "H5'"  sing N N 84  
G   "C5'" "H5''" sing N N 85  
G   "C4'" "O4'"  sing N N 86  
G   "C4'" "C3'"  sing N N 87  
G   "C4'" "H4'"  sing N N 88  
G   "O4'" "C1'"  sing N N 89  
G   "C3'" "O3'"  sing N N 90  
G   "C3'" "C2'"  sing N N 91  
G   "C3'" "H3'"  sing N N 92  
G   "O3'" "HO3'" sing N N 93  
G   "C2'" "O2'"  sing N N 94  
G   "C2'" "C1'"  sing N N 95  
G   "C2'" "H2'"  sing N N 96  
G   "O2'" "HO2'" sing N N 97  
G   "C1'" N9     sing N N 98  
G   "C1'" "H1'"  sing N N 99  
G   N9    C8     sing Y N 100 
G   N9    C4     sing Y N 101 
G   C8    N7     doub Y N 102 
G   C8    H8     sing N N 103 
G   N7    C5     sing Y N 104 
G   C5    C6     sing N N 105 
G   C5    C4     doub Y N 106 
G   C6    O6     doub N N 107 
G   C6    N1     sing N N 108 
G   N1    C2     sing N N 109 
G   N1    H1     sing N N 110 
G   C2    N2     sing N N 111 
G   C2    N3     doub N N 112 
G   N2    H21    sing N N 113 
G   N2    H22    sing N N 114 
G   N3    C4     sing N N 115 
HOH O     H1     sing N N 116 
HOH O     H2     sing N N 117 
U   OP3   P      sing N N 118 
U   OP3   HOP3   sing N N 119 
U   P     OP1    doub N N 120 
U   P     OP2    sing N N 121 
U   P     "O5'"  sing N N 122 
U   OP2   HOP2   sing N N 123 
U   "O5'" "C5'"  sing N N 124 
U   "C5'" "C4'"  sing N N 125 
U   "C5'" "H5'"  sing N N 126 
U   "C5'" "H5''" sing N N 127 
U   "C4'" "O4'"  sing N N 128 
U   "C4'" "C3'"  sing N N 129 
U   "C4'" "H4'"  sing N N 130 
U   "O4'" "C1'"  sing N N 131 
U   "C3'" "O3'"  sing N N 132 
U   "C3'" "C2'"  sing N N 133 
U   "C3'" "H3'"  sing N N 134 
U   "O3'" "HO3'" sing N N 135 
U   "C2'" "O2'"  sing N N 136 
U   "C2'" "C1'"  sing N N 137 
U   "C2'" "H2'"  sing N N 138 
U   "O2'" "HO2'" sing N N 139 
U   "C1'" N1     sing N N 140 
U   "C1'" "H1'"  sing N N 141 
U   N1    C2     sing N N 142 
U   N1    C6     sing N N 143 
U   C2    O2     doub N N 144 
U   C2    N3     sing N N 145 
U   N3    C4     sing N N 146 
U   N3    H3     sing N N 147 
U   C4    O4     doub N N 148 
U   C4    C5     sing N N 149 
U   C5    C6     doub N N 150 
U   C5    H5     sing N N 151 
U   C6    H6     sing N N 152 
# 
loop_
_ndb_struct_conf_na.entry_id 
_ndb_struct_conf_na.feature 
3FS0 'double helix'         
3FS0 'a-form double helix'  
3FS0 'mismatched base pair' 
3FS0 'internal loop'        
# 
loop_
_ndb_struct_na_base_pair.model_number 
_ndb_struct_na_base_pair.i_label_asym_id 
_ndb_struct_na_base_pair.i_label_comp_id 
_ndb_struct_na_base_pair.i_label_seq_id 
_ndb_struct_na_base_pair.i_symmetry 
_ndb_struct_na_base_pair.j_label_asym_id 
_ndb_struct_na_base_pair.j_label_comp_id 
_ndb_struct_na_base_pair.j_label_seq_id 
_ndb_struct_na_base_pair.j_symmetry 
_ndb_struct_na_base_pair.shear 
_ndb_struct_na_base_pair.stretch 
_ndb_struct_na_base_pair.stagger 
_ndb_struct_na_base_pair.buckle 
_ndb_struct_na_base_pair.propeller 
_ndb_struct_na_base_pair.opening 
_ndb_struct_na_base_pair.pair_number 
_ndb_struct_na_base_pair.pair_name 
_ndb_struct_na_base_pair.i_auth_asym_id 
_ndb_struct_na_base_pair.i_auth_seq_id 
_ndb_struct_na_base_pair.i_PDB_ins_code 
_ndb_struct_na_base_pair.j_auth_asym_id 
_ndb_struct_na_base_pair.j_auth_seq_id 
_ndb_struct_na_base_pair.j_PDB_ins_code 
_ndb_struct_na_base_pair.hbond_type_28 
_ndb_struct_na_base_pair.hbond_type_12 
1 A G 2  1_555 B C 11 1_555 -0.279 0.069  0.349  -8.420 -17.427 4.566  1 A_G45:C5_B  A 45 ? B 5  ? 19 1  
1 A U 3  1_555 B A 10 1_555 0.216  -0.072 0.248  4.150  -11.828 5.630  2 A_U46:A4_B  A 46 ? B 4  ? 20 1  
1 A A 5  1_555 B G 7  1_555 -7.098 -4.312 -0.360 0.035  -4.562  -8.954 3 A_A48:G1_B  A 48 ? B 1  ? 11 10 
1 A G 6  1_555 B C 6  1_555 -0.699 -0.143 -0.046 0.216  0.838   -0.465 4 A_G49:C-1_B A 49 ? B -1 ? 19 1  
1 A G 7  1_555 B U 5  1_555 -2.284 -0.482 -0.139 3.925  -16.567 1.316  5 A_G50:U-2_B A 50 ? B -2 ? 28 ?  
1 A C 8  1_555 B G 4  1_555 0.227  -0.167 0.031  2.733  -12.257 2.085  6 A_C51:G-3_B A 51 ? B -3 ? 19 1  
1 A U 9  1_555 B A 3  1_555 -0.080 0.151  0.170  -2.132 -15.026 6.636  7 A_U52:A-4_B A 52 ? B -4 ? 20 1  
1 A G 10 1_555 B C 2  1_555 -0.431 -0.068 0.232  -6.616 -12.425 1.331  8 A_G53:C-5_B A 53 ? B -5 ? 19 1  
# 
loop_
_ndb_struct_na_base_pair_step.model_number 
_ndb_struct_na_base_pair_step.i_label_asym_id_1 
_ndb_struct_na_base_pair_step.i_label_comp_id_1 
_ndb_struct_na_base_pair_step.i_label_seq_id_1 
_ndb_struct_na_base_pair_step.i_symmetry_1 
_ndb_struct_na_base_pair_step.j_label_asym_id_1 
_ndb_struct_na_base_pair_step.j_label_comp_id_1 
_ndb_struct_na_base_pair_step.j_label_seq_id_1 
_ndb_struct_na_base_pair_step.j_symmetry_1 
_ndb_struct_na_base_pair_step.i_label_asym_id_2 
_ndb_struct_na_base_pair_step.i_label_comp_id_2 
_ndb_struct_na_base_pair_step.i_label_seq_id_2 
_ndb_struct_na_base_pair_step.i_symmetry_2 
_ndb_struct_na_base_pair_step.j_label_asym_id_2 
_ndb_struct_na_base_pair_step.j_label_comp_id_2 
_ndb_struct_na_base_pair_step.j_label_seq_id_2 
_ndb_struct_na_base_pair_step.j_symmetry_2 
_ndb_struct_na_base_pair_step.shift 
_ndb_struct_na_base_pair_step.slide 
_ndb_struct_na_base_pair_step.rise 
_ndb_struct_na_base_pair_step.tilt 
_ndb_struct_na_base_pair_step.roll 
_ndb_struct_na_base_pair_step.twist 
_ndb_struct_na_base_pair_step.x_displacement 
_ndb_struct_na_base_pair_step.y_displacement 
_ndb_struct_na_base_pair_step.helical_rise 
_ndb_struct_na_base_pair_step.inclination 
_ndb_struct_na_base_pair_step.tip 
_ndb_struct_na_base_pair_step.helical_twist 
_ndb_struct_na_base_pair_step.step_number 
_ndb_struct_na_base_pair_step.step_name 
_ndb_struct_na_base_pair_step.i_auth_asym_id_1 
_ndb_struct_na_base_pair_step.i_auth_seq_id_1 
_ndb_struct_na_base_pair_step.i_PDB_ins_code_1 
_ndb_struct_na_base_pair_step.j_auth_asym_id_1 
_ndb_struct_na_base_pair_step.j_auth_seq_id_1 
_ndb_struct_na_base_pair_step.j_PDB_ins_code_1 
_ndb_struct_na_base_pair_step.i_auth_asym_id_2 
_ndb_struct_na_base_pair_step.i_auth_seq_id_2 
_ndb_struct_na_base_pair_step.i_PDB_ins_code_2 
_ndb_struct_na_base_pair_step.j_auth_asym_id_2 
_ndb_struct_na_base_pair_step.j_auth_seq_id_2 
_ndb_struct_na_base_pair_step.j_PDB_ins_code_2 
1 A G 2 1_555 B C 11 1_555 A U 3  1_555 B A 10 1_555 0.020  -1.059 3.052 -0.486 5.705  31.261 -2.880 -0.118 2.819 10.476 0.893  
31.769 1 AA_G45U46:A4C5_BB   A 45 ? B 5  ? A 46 ? B 4  ? 
1 A A 5 1_555 B G 7  1_555 A G 6  1_555 B C 6  1_555 0.936  -1.277 3.383 -3.065 2.566  61.807 -1.362 -1.054 3.288 2.496  2.980  
61.923 2 AA_A48G49:C-1G1_BB  A 48 ? B 1  ? A 49 ? B -1 ? 
1 A G 6 1_555 B C 6  1_555 A G 7  1_555 B U 5  1_555 -0.217 -1.925 3.122 -4.943 9.206  27.190 -5.581 -0.507 2.361 18.727 10.054 
29.094 3 AA_G49G50:U-2C-1_BB A 49 ? B -1 ? A 50 ? B -2 ? 
1 A G 7 1_555 B U 5  1_555 A C 8  1_555 B G 4  1_555 0.028  -1.188 3.311 -3.186 3.332  42.502 -1.963 -0.357 3.203 4.580  4.379  
42.740 4 AA_G50C51:G-3U-2_BB A 50 ? B -2 ? A 51 ? B -3 ? 
1 A C 8 1_555 B G 4  1_555 A U 9  1_555 B A 3  1_555 0.260  -1.595 3.338 1.400  6.758  32.294 -3.924 -0.226 2.961 11.980 -2.481 
33.004 5 AA_C51U52:A-4G-3_BB A 51 ? B -3 ? A 52 ? B -4 ? 
1 A U 9 1_555 B A 3  1_555 A G 10 1_555 B C 2  1_555 -0.311 -1.884 3.174 -3.045 12.385 26.223 -6.056 0.052  2.109 25.470 6.262  
29.112 6 AA_U52G53:C-5A-4_BB A 52 ? B -4 ? A 53 ? B -5 ? 
# 
loop_
_pdbx_entity_nonpoly.entity_id 
_pdbx_entity_nonpoly.name 
_pdbx_entity_nonpoly.comp_id 
3 'MAGNESIUM ION' MG  
4 water           HOH 
# 
_pdbx_initial_refinement_model.id               1 
_pdbx_initial_refinement_model.entity_id_list   ? 
_pdbx_initial_refinement_model.type             'experimental model' 
_pdbx_initial_refinement_model.source_name      PDB 
_pdbx_initial_refinement_model.accession_code   3FTM 
_pdbx_initial_refinement_model.details          'PDB ENTRY 3FTM' 
# 
